data_1T5T
#
_entry.id   1T5T
#
_cell.length_a   162.477
_cell.length_b   75.617
_cell.length_c   151.651
_cell.angle_alpha   90.00
_cell.angle_beta   108.82
_cell.angle_gamma   90.00
#
_symmetry.space_group_name_H-M   'C 1 2 1'
#
loop_
_entity.id
_entity.type
_entity.pdbx_description
1 polymer 'Sarcoplasmic/endoplasmic reticulum calcium ATPase 1 isoform SERCA1A'
2 non-polymer 'TETRAFLUOROALUMINATE ION'
3 non-polymer 'CALCIUM ION'
4 non-polymer 'MAGNESIUM ION'
5 non-polymer 'POTASSIUM ION'
6 non-polymer "ADENOSINE-5'-DIPHOSPHATE"
7 water water
#
_entity_poly.entity_id   1
_entity_poly.type   'polypeptide(L)'
_entity_poly.pdbx_seq_one_letter_code
;MEAAHSKSTEECLAYFGVSETTGLTPDQVKRHLEKYGHNELPAEEGKSLWELVIEQFEDLLVRILLLAACISFVLAWFEE
GEETITAFVEPFVILLILIANAIVGVWQERNAENAIEALKEYEPEMGKVYRADRKSVQRIKARDIVPGDIVEVAVGDKVP
ADIRILSIKSTTLRVDQSILTGESVSVIKHTEPVPDPRAVNQDKKNMLFSGTNIAAGKALGIVATTGVSTEIGKIRDQMA
ATEQDKTPLQQKLDEFGEQLSKVISLICVAVWLINIGHFNDPVHGGSWIRGAIYYFKIAVALAVAAIPEGLPAVITTCLA
LGTRRMAKKNAIVRSLPSVETLGCTSVICSDKTGTLTTNQMSVCKMFIIDKVDGDFCSLNEFSITGSTYAPEGEVLKNDK
PIRSGQFDGLVELATICALCNDSSLDFNETKGVYEKVGEATETALTTLVEKMNVFNTEVRNLSKVERANACNSVIRQLMK
KEFTLEFSRDRKSMSVYCSPAKSSRAAVGNKMFVKGAPEGVIDRCNYVRVGTTRVPMTGPVKEKILSVIKEWGTGRDTLR
CLALATRDTPPKREEMVLDDSSRFMEYETDLTFVGVVGMLDPPRKEVMGSIQLCRDAGIRVIMITGDNKGTAIAICRRIG
IFGENEEVADRAYTGREFDDLPLAEQREACRRACCFARVEPSHKSKIVEYLQSYDEITAMTGDGVNDAPALKKAEIGIAM
GSGTAVAKTASEMVLADDNFSTIVAAVEEGRAIYNNMKQFIRYLISSNVGEVVCIFLTAALGLPEALIPVQLLWVNLVTD
GLPATALGFNPPDLDIMDRPPRSPKEPLISGWLFFRYMAIGGYVGAATVGAAAWWFMYAEDGPGVTYHQLTHFMQCTEDH
PHFEGLDCEIFEAPEPMTMALSVLVTIEMCNALNSLSENQSLMRMPPWVNIWLLGSICLSMSLHFLILYVDPLPMIFKLK
ALDLTQWLMVLKISLPVIGLDEILKFIARNYLEG
;
_entity_poly.pdbx_strand_id   A
#
loop_
_chem_comp.id
_chem_comp.type
_chem_comp.name
_chem_comp.formula
ADP non-polymer ADENOSINE-5'-DIPHOSPHATE 'C10 H15 N5 O10 P2'
ALF non-polymer 'TETRAFLUOROALUMINATE ION' 'Al F4 -1'
CA non-polymer 'CALCIUM ION' 'Ca 2'
K non-polymer 'POTASSIUM ION' 'K 1'
MG non-polymer 'MAGNESIUM ION' 'Mg 2'
#
# COMPACT_ATOMS: atom_id res chain seq x y z
N MET A 1 -5.25 33.46 -16.44
CA MET A 1 -5.51 34.15 -15.16
C MET A 1 -6.90 34.74 -15.23
N GLU A 2 -7.71 34.42 -14.24
CA GLU A 2 -9.00 35.03 -14.15
C GLU A 2 -9.32 35.16 -12.67
N ALA A 3 -9.62 36.39 -12.29
CA ALA A 3 -9.99 36.71 -10.92
C ALA A 3 -11.39 36.19 -10.57
N ALA A 4 -12.19 35.90 -11.60
CA ALA A 4 -13.63 35.68 -11.42
C ALA A 4 -14.25 34.30 -11.74
N HIS A 5 -15.05 33.92 -10.75
CA HIS A 5 -16.08 32.91 -10.76
C HIS A 5 -17.42 33.66 -10.79
N SER A 6 -17.32 34.97 -10.64
CA SER A 6 -18.46 35.87 -10.48
C SER A 6 -18.83 36.54 -11.79
N LYS A 7 -18.20 36.09 -12.88
CA LYS A 7 -18.52 36.53 -14.23
C LYS A 7 -19.22 35.36 -14.90
N SER A 8 -19.98 35.62 -15.96
CA SER A 8 -20.80 34.59 -16.61
C SER A 8 -19.93 33.62 -17.43
N THR A 9 -20.50 32.56 -17.97
CA THR A 9 -19.71 31.68 -18.84
C THR A 9 -19.21 32.49 -20.02
N GLU A 10 -20.14 33.19 -20.67
CA GLU A 10 -19.81 33.99 -21.84
C GLU A 10 -18.62 34.89 -21.53
N GLU A 11 -18.70 35.65 -20.46
CA GLU A 11 -17.63 36.58 -20.15
C GLU A 11 -16.23 35.97 -20.10
N CYS A 12 -16.12 34.80 -19.50
CA CYS A 12 -14.83 34.09 -19.44
C CYS A 12 -14.35 33.68 -20.81
N LEU A 13 -15.26 33.11 -21.60
CA LEU A 13 -14.97 32.74 -22.97
C LEU A 13 -14.41 33.93 -23.70
N ALA A 14 -15.15 35.04 -23.64
CA ALA A 14 -14.76 36.28 -24.33
C ALA A 14 -13.45 36.84 -23.77
N TYR A 15 -13.26 36.76 -22.46
CA TYR A 15 -11.97 37.14 -21.85
C TYR A 15 -10.76 36.49 -22.51
N PHE A 16 -10.83 35.21 -22.85
CA PHE A 16 -9.70 34.53 -23.48
C PHE A 16 -9.84 34.44 -25.01
N GLY A 17 -11.00 34.77 -25.54
CA GLY A 17 -11.18 34.82 -26.98
C GLY A 17 -11.17 33.40 -27.48
N VAL A 18 -12.06 32.60 -26.88
CA VAL A 18 -12.10 31.18 -27.14
C VAL A 18 -13.51 30.71 -27.49
N SER A 19 -13.58 29.98 -28.60
CA SER A 19 -14.80 29.30 -29.00
C SER A 19 -15.02 28.08 -28.10
N GLU A 20 -16.08 28.14 -27.30
CA GLU A 20 -16.43 27.12 -26.30
C GLU A 20 -16.28 25.67 -26.76
N THR A 21 -16.73 25.34 -27.96
CA THR A 21 -16.69 23.96 -28.44
C THR A 21 -15.36 23.56 -29.07
N THR A 22 -14.60 24.55 -29.57
CA THR A 22 -13.36 24.21 -30.25
C THR A 22 -12.13 24.32 -29.34
N GLY A 23 -12.05 25.32 -28.49
CA GLY A 23 -10.88 25.49 -27.64
C GLY A 23 -9.71 26.18 -28.33
N LEU A 24 -8.75 26.62 -27.52
CA LEU A 24 -7.54 27.32 -27.97
C LEU A 24 -6.86 26.79 -29.23
N THR A 25 -6.30 27.72 -30.00
CA THR A 25 -5.44 27.40 -31.13
C THR A 25 -4.00 27.21 -30.71
N PRO A 26 -3.20 26.55 -31.55
CA PRO A 26 -1.80 26.33 -31.23
C PRO A 26 -1.12 27.60 -30.80
N ASP A 27 -1.42 28.69 -31.51
CA ASP A 27 -0.81 29.97 -31.25
C ASP A 27 -1.37 30.60 -29.99
N GLN A 28 -2.63 30.32 -29.65
CA GLN A 28 -3.11 30.74 -28.34
C GLN A 28 -2.36 29.98 -27.23
N VAL A 29 -2.10 28.69 -27.44
CA VAL A 29 -1.38 27.91 -26.44
C VAL A 29 0.08 28.35 -26.32
N LYS A 30 0.67 28.79 -27.43
CA LYS A 30 2.06 29.24 -27.41
C LYS A 30 2.21 30.46 -26.53
N ARG A 31 1.30 31.42 -26.72
CA ARG A 31 1.26 32.62 -25.88
C ARG A 31 1.06 32.28 -24.41
N HIS A 32 0.02 31.52 -24.11
CA HIS A 32 -0.40 31.31 -22.73
C HIS A 32 0.66 30.60 -21.89
N LEU A 33 1.41 29.69 -22.50
CA LEU A 33 2.57 29.14 -21.82
C LEU A 33 3.56 30.22 -21.41
N GLU A 34 3.95 31.06 -22.37
CA GLU A 34 4.86 32.18 -22.11
C GLU A 34 4.29 33.13 -21.05
N LYS A 35 3.00 33.43 -21.15
CA LYS A 35 2.40 34.42 -20.27
C LYS A 35 2.10 33.87 -18.87
N TYR A 36 1.93 32.55 -18.77
CA TYR A 36 1.50 31.91 -17.52
C TYR A 36 2.35 30.73 -17.01
N GLY A 37 3.26 30.21 -17.83
CA GLY A 37 4.10 29.08 -17.42
C GLY A 37 3.33 27.77 -17.44
N HIS A 38 3.99 26.67 -17.14
CA HIS A 38 3.32 25.37 -17.14
C HIS A 38 2.41 25.18 -15.92
N ASN A 39 1.41 24.32 -16.05
CA ASN A 39 0.44 24.11 -14.97
C ASN A 39 0.98 23.09 -13.97
N GLU A 40 1.79 23.59 -13.05
CA GLU A 40 2.46 22.74 -12.08
C GLU A 40 3.01 23.61 -10.99
N LEU A 41 3.34 22.98 -9.87
CA LEU A 41 3.88 23.67 -8.71
C LEU A 41 5.35 23.36 -8.62
N PRO A 42 6.17 24.41 -8.53
CA PRO A 42 7.62 24.22 -8.65
C PRO A 42 8.04 23.29 -7.54
N ALA A 43 7.59 23.64 -6.33
CA ALA A 43 7.89 22.91 -5.11
C ALA A 43 8.60 21.57 -5.36
N GLU A 44 7.88 20.45 -5.22
CA GLU A 44 8.48 19.12 -5.40
C GLU A 44 9.61 18.84 -4.40
N GLU A 45 10.10 19.88 -3.73
CA GLU A 45 11.40 19.84 -3.03
C GLU A 45 11.26 19.66 -1.53
N GLY A 46 12.38 19.38 -0.89
CA GLY A 46 12.53 19.37 0.56
C GLY A 46 11.33 18.89 1.35
N LYS A 47 11.35 17.60 1.69
CA LYS A 47 10.32 17.00 2.55
C LYS A 47 10.84 16.80 3.97
N SER A 48 12.16 16.70 4.13
CA SER A 48 12.77 16.62 5.45
C SER A 48 14.18 17.21 5.39
N LEU A 49 14.49 18.08 6.33
CA LEU A 49 15.79 18.72 6.41
C LEU A 49 16.78 17.73 7.05
N TRP A 50 17.87 17.42 6.35
CA TRP A 50 18.93 16.54 6.87
C TRP A 50 18.89 16.48 8.40
N GLU A 51 18.83 17.65 9.04
CA GLU A 51 18.60 17.77 10.48
C GLU A 51 17.34 17.08 10.97
N LEU A 52 16.19 17.45 10.42
CA LEU A 52 14.93 16.84 10.84
C LEU A 52 15.15 15.35 11.05
N VAL A 53 15.65 14.66 10.01
CA VAL A 53 15.78 13.20 10.05
C VAL A 53 16.78 12.75 11.11
N ILE A 54 17.82 13.55 11.32
CA ILE A 54 18.74 13.32 12.44
C ILE A 54 17.98 13.32 13.76
N GLU A 55 16.99 14.20 13.91
CA GLU A 55 16.18 14.21 15.11
C GLU A 55 15.14 13.08 15.09
N GLN A 56 15.63 11.86 14.91
CA GLN A 56 14.96 10.65 15.35
C GLN A 56 15.79 10.10 16.52
N PHE A 57 16.35 11.05 17.28
CA PHE A 57 16.43 10.92 18.72
C PHE A 57 15.00 11.34 19.06
N GLU A 58 14.71 11.68 20.32
CA GLU A 58 13.33 11.99 20.74
C GLU A 58 12.49 10.74 21.04
N ASP A 59 12.98 9.57 20.64
CA ASP A 59 12.28 8.31 20.83
C ASP A 59 12.26 7.85 22.28
N LEU A 60 11.34 6.95 22.56
CA LEU A 60 11.24 6.22 23.82
C LEU A 60 12.58 5.98 24.55
N LEU A 61 13.40 5.07 24.02
CA LEU A 61 14.54 4.51 24.75
C LEU A 61 15.84 5.20 24.44
N VAL A 62 15.86 6.00 23.38
CA VAL A 62 17.09 6.65 22.98
C VAL A 62 17.36 7.83 23.93
N ARG A 63 16.29 8.42 24.43
CA ARG A 63 16.39 9.52 25.39
C ARG A 63 16.99 9.03 26.71
N ILE A 64 16.73 7.78 27.06
CA ILE A 64 17.32 7.19 28.25
C ILE A 64 18.84 7.20 28.10
N LEU A 65 19.34 6.62 27.01
CA LEU A 65 20.78 6.59 26.78
C LEU A 65 21.35 7.99 26.67
N LEU A 66 20.55 8.90 26.13
CA LEU A 66 20.93 10.30 26.06
C LEU A 66 21.20 10.82 27.46
N LEU A 67 20.23 10.67 28.36
CA LEU A 67 20.43 11.06 29.76
C LEU A 67 21.67 10.36 30.32
N ALA A 68 21.69 9.03 30.25
CA ALA A 68 22.81 8.24 30.76
C ALA A 68 24.16 8.88 30.40
N ALA A 69 24.26 9.48 29.22
CA ALA A 69 25.51 10.11 28.80
C ALA A 69 25.81 11.41 29.55
N CYS A 70 24.80 12.08 30.07
CA CYS A 70 25.00 13.30 30.85
C CYS A 70 25.64 13.04 32.19
N ILE A 71 25.05 12.13 32.96
CA ILE A 71 25.59 11.77 34.27
C ILE A 71 27.05 11.32 34.16
N SER A 72 27.38 10.55 33.12
CA SER A 72 28.76 10.14 32.87
C SER A 72 29.64 11.34 32.51
N PHE A 73 29.07 12.32 31.82
CA PHE A 73 29.78 13.59 31.57
C PHE A 73 29.97 14.45 32.84
N VAL A 74 29.02 14.36 33.77
CA VAL A 74 29.08 15.14 35.02
C VAL A 74 29.93 14.43 36.09
N LEU A 75 29.81 13.11 36.17
CA LEU A 75 30.61 12.33 37.12
C LEU A 75 32.09 12.35 36.77
N ALA A 76 32.37 12.43 35.46
CA ALA A 76 33.71 12.67 34.96
C ALA A 76 34.20 14.06 35.34
N TRP A 77 33.34 15.07 35.14
CA TRP A 77 33.71 16.47 35.43
C TRP A 77 34.22 16.70 36.84
N PHE A 78 33.72 15.92 37.81
CA PHE A 78 34.23 15.97 39.17
C PHE A 78 35.44 15.04 39.35
N GLU A 79 36.44 15.25 38.49
CA GLU A 79 37.79 14.65 38.59
C GLU A 79 37.93 13.13 38.68
N GLU A 80 36.85 12.42 39.00
CA GLU A 80 36.97 11.00 39.35
C GLU A 80 36.32 10.08 38.29
N GLY A 81 35.18 9.49 38.61
CA GLY A 81 34.86 8.14 38.16
C GLY A 81 35.58 7.25 39.17
N GLU A 82 36.35 6.28 38.67
CA GLU A 82 37.23 5.46 39.49
C GLU A 82 38.68 5.74 39.09
N GLU A 83 38.89 5.75 37.76
CA GLU A 83 40.12 6.21 37.13
C GLU A 83 39.84 7.58 36.46
N THR A 84 40.90 8.34 36.18
CA THR A 84 40.76 9.75 35.78
C THR A 84 40.18 9.97 34.36
N ILE A 85 40.81 9.46 33.30
CA ILE A 85 40.30 9.63 31.92
C ILE A 85 39.22 8.61 31.50
N THR A 86 39.22 7.44 32.15
CA THR A 86 38.21 6.40 31.90
C THR A 86 36.78 6.93 31.97
N ALA A 87 36.58 8.05 32.67
CA ALA A 87 35.26 8.68 32.76
C ALA A 87 34.86 9.54 31.54
N PHE A 88 35.82 9.97 30.72
CA PHE A 88 35.49 10.74 29.50
C PHE A 88 35.33 9.89 28.25
N VAL A 89 35.72 8.63 28.36
CA VAL A 89 35.39 7.61 27.39
C VAL A 89 33.92 7.23 27.52
N GLU A 90 33.50 6.97 28.76
CA GLU A 90 32.14 6.51 29.05
C GLU A 90 31.07 7.17 28.15
N PRO A 91 30.98 8.50 28.13
CA PRO A 91 29.98 9.19 27.29
C PRO A 91 30.01 8.86 25.80
N PHE A 92 31.19 8.56 25.27
CA PHE A 92 31.32 8.30 23.84
C PHE A 92 31.06 6.84 23.50
N VAL A 93 31.07 5.96 24.50
CA VAL A 93 30.71 4.57 24.28
C VAL A 93 29.19 4.46 24.16
N ILE A 94 28.51 5.45 24.71
CA ILE A 94 27.04 5.53 24.71
C ILE A 94 26.52 6.29 23.48
N LEU A 95 27.16 7.41 23.15
CA LEU A 95 26.76 8.19 21.98
C LEU A 95 27.09 7.46 20.71
N LEU A 96 28.13 6.63 20.75
CA LEU A 96 28.59 6.00 19.53
C LEU A 96 27.50 5.11 18.95
N ILE A 97 27.02 4.16 19.74
CA ILE A 97 25.96 3.27 19.27
C ILE A 97 24.77 4.10 18.77
N LEU A 98 24.44 5.17 19.48
CA LEU A 98 23.36 6.05 19.06
C LEU A 98 23.60 6.68 17.69
N ILE A 99 24.82 7.10 17.44
CA ILE A 99 25.14 7.76 16.19
C ILE A 99 25.00 6.74 15.06
N ALA A 100 25.56 5.56 15.25
CA ALA A 100 25.53 4.47 14.27
C ALA A 100 24.12 4.16 13.78
N ASN A 101 23.24 3.84 14.72
CA ASN A 101 21.86 3.55 14.37
C ASN A 101 21.20 4.76 13.70
N ALA A 102 21.50 5.97 14.18
CA ALA A 102 20.93 7.18 13.59
C ALA A 102 21.33 7.29 12.13
N ILE A 103 22.60 7.05 11.85
CA ILE A 103 23.10 7.13 10.48
C ILE A 103 22.35 6.18 9.54
N VAL A 104 22.17 4.94 9.95
CA VAL A 104 21.47 3.95 9.14
C VAL A 104 20.02 4.35 8.90
N GLY A 105 19.33 4.74 9.97
CA GLY A 105 17.91 5.10 9.87
C GLY A 105 17.79 6.20 8.84
N VAL A 106 18.58 7.26 9.04
CA VAL A 106 18.54 8.44 8.18
C VAL A 106 18.79 8.09 6.71
N TRP A 107 19.71 7.16 6.50
CA TRP A 107 20.09 6.71 5.18
C TRP A 107 18.94 5.99 4.49
N GLN A 108 18.29 5.11 5.25
CA GLN A 108 17.20 4.31 4.71
C GLN A 108 16.00 5.17 4.41
N GLU A 109 15.81 6.22 5.20
CA GLU A 109 14.71 7.14 4.99
C GLU A 109 14.94 7.97 3.75
N ARG A 110 16.17 8.46 3.61
CA ARG A 110 16.54 9.21 2.44
C ARG A 110 16.39 8.33 1.20
N ASN A 111 16.87 7.09 1.25
CA ASN A 111 16.74 6.20 0.11
C ASN A 111 15.27 5.93 -0.25
N ALA A 112 14.42 5.84 0.78
CA ALA A 112 13.01 5.56 0.58
C ALA A 112 12.32 6.70 -0.15
N GLU A 113 12.46 7.92 0.35
CA GLU A 113 11.85 9.10 -0.28
C GLU A 113 12.29 9.30 -1.70
N ASN A 114 13.57 9.05 -1.95
CA ASN A 114 14.08 9.12 -3.30
C ASN A 114 13.31 8.13 -4.17
N ALA A 115 13.34 6.86 -3.78
CA ALA A 115 12.70 5.78 -4.53
C ALA A 115 11.24 6.08 -4.80
N ILE A 116 10.54 6.59 -3.79
CA ILE A 116 9.13 6.99 -3.89
C ILE A 116 8.92 8.13 -4.88
N GLU A 117 9.77 9.13 -4.82
CA GLU A 117 9.63 10.28 -5.69
C GLU A 117 9.97 9.94 -7.13
N ALA A 118 10.82 8.93 -7.30
CA ALA A 118 11.05 8.35 -8.62
C ALA A 118 9.78 7.73 -9.20
N LEU A 119 9.07 6.96 -8.38
CA LEU A 119 7.87 6.26 -8.84
C LEU A 119 6.76 7.26 -9.14
N LYS A 120 6.45 8.14 -8.19
CA LYS A 120 5.38 9.13 -8.36
C LYS A 120 5.60 9.99 -9.59
N GLU A 121 6.81 10.49 -9.76
CA GLU A 121 7.13 11.32 -10.92
C GLU A 121 7.17 10.57 -12.24
N TYR A 122 7.19 9.24 -12.19
CA TYR A 122 7.39 8.47 -13.41
C TYR A 122 6.30 8.72 -14.44
N GLU A 123 5.07 8.28 -14.18
CA GLU A 123 3.97 8.39 -15.13
C GLU A 123 3.28 9.76 -15.09
N PRO A 124 3.34 10.52 -16.18
CA PRO A 124 2.84 11.90 -16.19
C PRO A 124 1.30 12.04 -16.15
N GLU A 125 0.84 12.97 -15.32
CA GLU A 125 -0.60 13.23 -15.23
C GLU A 125 -1.13 13.97 -16.47
N MET A 126 -2.26 13.47 -16.94
CA MET A 126 -2.86 13.84 -18.21
C MET A 126 -4.19 14.50 -17.95
N GLY A 127 -4.60 15.36 -18.87
CA GLY A 127 -5.86 16.08 -18.77
C GLY A 127 -6.56 15.97 -20.09
N LYS A 128 -7.83 16.30 -20.13
CA LYS A 128 -8.56 16.22 -21.39
C LYS A 128 -9.08 17.59 -21.79
N VAL A 129 -8.76 17.98 -23.03
CA VAL A 129 -9.09 19.30 -23.55
C VAL A 129 -9.61 19.31 -24.97
N TYR A 130 -10.54 20.21 -25.22
CA TYR A 130 -10.83 20.63 -26.58
C TYR A 130 -9.84 21.75 -26.97
N ARG A 131 -9.17 21.54 -28.09
CA ARG A 131 -8.32 22.56 -28.68
C ARG A 131 -8.57 22.56 -30.19
N ALA A 132 -8.29 23.71 -30.80
CA ALA A 132 -8.74 23.96 -32.14
C ALA A 132 -8.18 23.00 -33.16
N ASP A 133 -7.06 22.36 -32.84
CA ASP A 133 -6.37 21.51 -33.82
C ASP A 133 -7.01 20.13 -34.00
N ARG A 134 -7.99 19.82 -33.17
CA ARG A 134 -8.68 18.53 -33.21
C ARG A 134 -10.15 18.69 -32.83
N LYS A 135 -11.05 18.08 -33.61
CA LYS A 135 -12.49 18.18 -33.36
C LYS A 135 -12.92 17.48 -32.09
N SER A 136 -12.37 16.31 -31.87
CA SER A 136 -12.69 15.53 -30.69
C SER A 136 -11.75 15.88 -29.56
N VAL A 137 -12.22 15.68 -28.34
CA VAL A 137 -11.41 15.93 -27.15
C VAL A 137 -10.10 15.20 -27.26
N GLN A 138 -9.03 15.78 -26.76
CA GLN A 138 -7.71 15.19 -26.83
C GLN A 138 -7.10 15.27 -25.46
N ARG A 139 -6.07 14.45 -25.25
CA ARG A 139 -5.50 14.36 -23.93
C ARG A 139 -4.09 14.89 -23.97
N ILE A 140 -3.78 15.75 -23.00
CA ILE A 140 -2.47 16.37 -22.93
C ILE A 140 -1.96 16.18 -21.52
N LYS A 141 -0.65 16.30 -21.34
CA LYS A 141 -0.04 16.37 -20.02
C LYS A 141 -0.65 17.57 -19.29
N ALA A 142 -1.27 17.32 -18.15
CA ALA A 142 -1.87 18.37 -17.33
C ALA A 142 -0.92 19.54 -17.20
N ARG A 143 0.37 19.23 -17.06
CA ARG A 143 1.45 20.22 -17.04
C ARG A 143 1.32 21.30 -18.14
N ASP A 144 0.86 20.89 -19.32
CA ASP A 144 0.69 21.77 -20.48
C ASP A 144 -0.59 22.60 -20.52
N ILE A 145 -1.55 22.36 -19.63
CA ILE A 145 -2.78 23.12 -19.76
C ILE A 145 -2.52 24.50 -19.22
N VAL A 146 -3.17 25.47 -19.85
CA VAL A 146 -2.99 26.88 -19.52
C VAL A 146 -4.37 27.47 -19.35
N PRO A 147 -4.44 28.63 -18.70
CA PRO A 147 -5.71 29.34 -18.59
C PRO A 147 -6.32 29.55 -19.96
N GLY A 148 -7.63 29.31 -20.04
CA GLY A 148 -8.34 29.51 -21.28
C GLY A 148 -8.59 28.32 -22.16
N ASP A 149 -8.04 27.12 -21.90
CA ASP A 149 -8.58 25.99 -22.71
C ASP A 149 -9.76 25.34 -22.06
N ILE A 150 -10.51 24.71 -22.95
CA ILE A 150 -11.71 23.98 -22.62
C ILE A 150 -11.26 22.60 -22.15
N VAL A 151 -11.69 22.28 -20.93
CA VAL A 151 -11.29 21.07 -20.25
C VAL A 151 -12.55 20.29 -20.04
N GLU A 152 -12.45 18.98 -20.24
CA GLU A 152 -13.53 18.07 -19.93
C GLU A 152 -13.10 17.21 -18.73
N VAL A 153 -14.03 16.92 -17.84
CA VAL A 153 -13.77 16.09 -16.67
C VAL A 153 -15.05 15.33 -16.33
N ALA A 154 -14.93 14.04 -16.02
CA ALA A 154 -16.09 13.27 -15.67
C ALA A 154 -15.78 12.44 -14.43
N VAL A 155 -16.81 11.96 -13.75
CA VAL A 155 -16.66 10.99 -12.65
C VAL A 155 -15.37 10.20 -12.56
N GLY A 156 -14.71 10.27 -11.42
CA GLY A 156 -13.48 9.51 -11.27
C GLY A 156 -12.26 10.39 -11.44
N ASP A 157 -12.36 11.38 -12.33
CA ASP A 157 -11.25 12.26 -12.68
C ASP A 157 -10.83 13.16 -11.51
N LYS A 158 -9.51 13.31 -11.36
CA LYS A 158 -8.94 14.46 -10.67
C LYS A 158 -9.01 15.76 -11.51
N VAL A 159 -9.65 16.78 -10.96
CA VAL A 159 -9.68 18.11 -11.58
C VAL A 159 -8.24 18.56 -11.76
N PRO A 160 -7.83 18.86 -12.98
CA PRO A 160 -6.42 19.10 -13.26
C PRO A 160 -5.98 20.53 -13.03
N ALA A 161 -6.94 21.44 -12.95
CA ALA A 161 -6.64 22.86 -12.88
C ALA A 161 -7.89 23.55 -12.38
N ASP A 162 -7.73 24.79 -11.88
CA ASP A 162 -8.86 25.53 -11.34
C ASP A 162 -9.73 25.97 -12.50
N ILE A 163 -11.00 25.61 -12.46
CA ILE A 163 -11.84 25.72 -13.65
C ILE A 163 -13.21 26.31 -13.40
N ARG A 164 -13.61 27.16 -14.35
CA ARG A 164 -14.93 27.77 -14.34
C ARG A 164 -15.83 26.90 -15.19
N ILE A 165 -16.88 26.37 -14.56
CA ILE A 165 -17.74 25.40 -15.21
C ILE A 165 -18.56 26.13 -16.28
N LEU A 166 -18.63 25.58 -17.48
CA LEU A 166 -19.35 26.20 -18.59
C LEU A 166 -20.68 25.52 -18.87
N SER A 167 -20.67 24.20 -18.77
CA SER A 167 -21.77 23.38 -19.20
C SER A 167 -21.68 22.06 -18.46
N ILE A 168 -22.74 21.69 -17.76
CA ILE A 168 -22.81 20.38 -17.10
C ILE A 168 -23.50 19.38 -17.99
N LYS A 169 -22.82 18.27 -18.27
CA LYS A 169 -23.36 17.32 -19.23
C LYS A 169 -24.35 16.32 -18.64
N SER A 170 -24.25 16.06 -17.34
CA SER A 170 -25.23 15.22 -16.67
C SER A 170 -26.26 16.05 -15.93
N THR A 171 -27.28 15.35 -15.41
CA THR A 171 -28.29 16.05 -14.63
C THR A 171 -27.72 16.60 -13.36
N THR A 172 -26.56 16.10 -12.93
CA THR A 172 -25.91 16.65 -11.74
C THR A 172 -24.40 16.50 -11.82
N LEU A 173 -23.69 17.37 -11.10
CA LEU A 173 -22.23 17.30 -10.97
C LEU A 173 -21.87 17.37 -9.49
N ARG A 174 -21.16 16.35 -9.01
CA ARG A 174 -20.89 16.20 -7.59
C ARG A 174 -19.40 16.06 -7.43
N VAL A 175 -18.83 16.88 -6.57
CA VAL A 175 -17.39 16.92 -6.42
C VAL A 175 -17.04 16.66 -4.97
N ASP A 176 -15.99 15.85 -4.81
CA ASP A 176 -15.33 15.64 -3.56
C ASP A 176 -14.13 16.58 -3.50
N GLN A 177 -14.32 17.66 -2.75
CA GLN A 177 -13.29 18.66 -2.53
C GLN A 177 -12.91 18.76 -1.06
N SER A 178 -12.86 17.60 -0.39
CA SER A 178 -12.34 17.48 0.98
C SER A 178 -10.94 18.04 1.15
N ILE A 179 -10.08 17.73 0.18
CA ILE A 179 -8.68 18.09 0.30
C ILE A 179 -8.48 19.59 0.49
N LEU A 180 -9.45 20.37 0.02
CA LEU A 180 -9.37 21.81 0.11
C LEU A 180 -10.22 22.32 1.25
N THR A 181 -11.48 21.92 1.31
CA THR A 181 -12.41 22.58 2.21
C THR A 181 -12.68 21.82 3.51
N GLY A 182 -12.25 20.57 3.60
CA GLY A 182 -12.61 19.74 4.76
C GLY A 182 -13.99 19.13 4.62
N GLU A 183 -14.89 19.80 3.89
CA GLU A 183 -16.17 19.24 3.41
C GLU A 183 -16.05 17.76 3.07
N SER A 184 -16.67 16.90 3.87
CA SER A 184 -16.42 15.46 3.79
C SER A 184 -17.35 14.72 2.82
N VAL A 185 -18.56 15.22 2.63
CA VAL A 185 -19.52 14.69 1.66
C VAL A 185 -19.39 15.46 0.34
N SER A 186 -19.59 14.76 -0.78
CA SER A 186 -19.52 15.40 -2.09
C SER A 186 -20.55 16.52 -2.25
N VAL A 187 -20.27 17.46 -3.15
CA VAL A 187 -21.06 18.70 -3.20
C VAL A 187 -21.48 19.15 -4.60
N ILE A 188 -22.70 19.67 -4.71
CA ILE A 188 -23.32 20.01 -5.98
C ILE A 188 -22.81 21.33 -6.61
N LYS A 189 -22.66 21.35 -7.92
CA LYS A 189 -22.23 22.55 -8.65
C LYS A 189 -23.30 23.01 -9.63
N HIS A 190 -23.21 24.26 -10.07
CA HIS A 190 -24.06 24.80 -11.14
C HIS A 190 -23.20 25.68 -12.05
N THR A 191 -23.77 26.27 -13.10
CA THR A 191 -22.98 27.09 -14.03
C THR A 191 -23.32 28.56 -13.97
N GLU A 192 -24.15 28.93 -12.99
CA GLU A 192 -24.57 30.31 -12.82
C GLU A 192 -23.50 31.12 -12.11
N PRO A 193 -23.50 32.44 -12.36
CA PRO A 193 -22.49 33.33 -11.77
C PRO A 193 -22.66 33.47 -10.26
N VAL A 194 -21.54 33.66 -9.55
CA VAL A 194 -21.56 33.79 -8.10
C VAL A 194 -20.95 35.14 -7.72
N PRO A 195 -21.83 36.15 -7.69
CA PRO A 195 -21.47 37.56 -7.74
C PRO A 195 -20.34 38.05 -6.83
N ASP A 196 -20.26 37.50 -5.63
CA ASP A 196 -19.31 37.95 -4.62
C ASP A 196 -17.85 37.68 -4.99
N PRO A 197 -17.06 38.71 -5.28
CA PRO A 197 -15.61 38.50 -5.46
C PRO A 197 -14.99 37.99 -4.16
N ARG A 198 -15.57 38.40 -3.04
CA ARG A 198 -15.15 38.03 -1.68
C ARG A 198 -15.33 36.54 -1.35
N ALA A 199 -16.34 35.90 -1.95
CA ALA A 199 -16.83 34.58 -1.49
C ALA A 199 -15.77 33.47 -1.32
N VAL A 200 -15.93 32.70 -0.25
CA VAL A 200 -15.04 31.61 0.11
C VAL A 200 -15.23 30.41 -0.83
N ASN A 201 -14.21 29.58 -0.94
CA ASN A 201 -14.27 28.40 -1.80
C ASN A 201 -15.59 27.61 -1.71
N GLN A 202 -16.00 27.20 -0.51
CA GLN A 202 -17.33 26.58 -0.28
C GLN A 202 -18.48 27.19 -1.09
N ASP A 203 -18.41 28.50 -1.36
CA ASP A 203 -19.48 29.20 -2.09
C ASP A 203 -19.24 29.34 -3.60
N LYS A 204 -18.06 28.96 -4.06
CA LYS A 204 -17.71 28.90 -5.49
C LYS A 204 -18.29 27.64 -6.17
N LYS A 205 -19.63 27.59 -6.25
CA LYS A 205 -20.32 26.39 -6.70
C LYS A 205 -20.41 26.27 -8.23
N ASN A 206 -19.63 27.08 -8.93
CA ASN A 206 -19.54 27.04 -10.38
C ASN A 206 -18.09 26.89 -10.83
N MET A 207 -17.23 26.57 -9.87
CA MET A 207 -15.80 26.36 -10.08
C MET A 207 -15.42 24.92 -9.70
N LEU A 208 -14.28 24.46 -10.18
CA LEU A 208 -13.77 23.13 -9.86
C LEU A 208 -12.29 23.22 -9.57
N PHE A 209 -11.88 22.88 -8.35
CA PHE A 209 -10.50 23.11 -7.96
C PHE A 209 -9.54 21.99 -8.30
N SER A 210 -8.46 22.37 -8.97
CA SER A 210 -7.33 21.47 -9.13
C SER A 210 -7.16 20.65 -7.86
N GLY A 211 -7.10 19.33 -8.01
CA GLY A 211 -6.79 18.43 -6.90
C GLY A 211 -8.01 17.84 -6.24
N THR A 212 -9.18 18.43 -6.46
CA THR A 212 -10.43 17.81 -6.08
C THR A 212 -10.74 16.72 -7.09
N ASN A 213 -11.80 15.95 -6.81
CA ASN A 213 -12.17 14.73 -7.55
C ASN A 213 -13.66 14.76 -7.93
N ILE A 214 -13.97 14.45 -9.18
CA ILE A 214 -15.39 14.37 -9.57
C ILE A 214 -16.00 13.06 -9.11
N ALA A 215 -17.00 13.20 -8.26
CA ALA A 215 -17.63 12.06 -7.62
C ALA A 215 -18.78 11.57 -8.46
N ALA A 216 -19.41 12.47 -9.22
CA ALA A 216 -20.52 12.11 -10.10
C ALA A 216 -20.71 13.16 -11.18
N GLY A 217 -20.89 12.69 -12.42
CA GLY A 217 -21.26 13.57 -13.53
C GLY A 217 -20.15 13.79 -14.52
N LYS A 218 -20.40 14.73 -15.40
CA LYS A 218 -19.49 15.09 -16.47
C LYS A 218 -19.66 16.56 -16.70
N ALA A 219 -18.57 17.26 -16.92
CA ALA A 219 -18.70 18.69 -17.16
C ALA A 219 -17.66 19.24 -18.12
N LEU A 220 -17.99 20.41 -18.65
CA LEU A 220 -17.12 21.11 -19.56
C LEU A 220 -16.81 22.44 -18.91
N GLY A 221 -15.53 22.81 -18.89
CA GLY A 221 -15.13 24.07 -18.29
C GLY A 221 -14.05 24.83 -19.03
N ILE A 222 -13.78 26.03 -18.55
CA ILE A 222 -12.67 26.79 -19.07
C ILE A 222 -11.76 27.16 -17.91
N VAL A 223 -10.47 26.96 -18.13
CA VAL A 223 -9.51 27.06 -17.08
C VAL A 223 -9.27 28.51 -16.71
N ALA A 224 -9.49 28.85 -15.45
CA ALA A 224 -9.26 30.20 -14.94
C ALA A 224 -7.81 30.37 -14.52
N THR A 225 -7.33 29.46 -13.69
CA THR A 225 -5.97 29.56 -13.16
C THR A 225 -5.24 28.23 -13.23
N THR A 226 -3.91 28.29 -13.15
CA THR A 226 -3.07 27.08 -13.13
C THR A 226 -1.87 27.26 -12.21
N GLY A 227 -1.02 26.23 -12.13
CA GLY A 227 0.16 26.22 -11.28
C GLY A 227 -0.01 26.85 -9.91
N VAL A 228 0.87 27.76 -9.55
CA VAL A 228 0.89 28.34 -8.20
C VAL A 228 -0.35 29.21 -7.89
N SER A 229 -0.96 29.79 -8.93
CA SER A 229 -2.15 30.62 -8.76
C SER A 229 -3.38 29.81 -8.33
N THR A 230 -3.33 28.50 -8.56
CA THR A 230 -4.34 27.54 -8.11
C THR A 230 -4.66 27.67 -6.63
N GLU A 231 -5.95 27.79 -6.32
CA GLU A 231 -6.45 27.80 -4.96
C GLU A 231 -5.72 26.86 -3.98
N ILE A 232 -5.50 25.61 -4.40
CA ILE A 232 -4.68 24.68 -3.62
C ILE A 232 -3.20 24.97 -3.69
N GLY A 233 -2.74 25.51 -4.82
CA GLY A 233 -1.34 25.87 -5.01
C GLY A 233 -0.85 26.93 -4.05
N LYS A 234 -1.75 27.82 -3.63
CA LYS A 234 -1.41 28.91 -2.73
C LYS A 234 -1.03 28.44 -1.32
N ILE A 235 -1.63 27.33 -0.89
CA ILE A 235 -1.70 26.97 0.52
C ILE A 235 -0.78 25.83 0.89
N ARG A 236 0.02 25.35 -0.06
CA ARG A 236 0.77 24.11 0.15
C ARG A 236 1.75 24.12 1.29
N ASP A 237 2.68 25.08 1.23
CA ASP A 237 3.75 25.21 2.22
C ASP A 237 3.20 25.04 3.63
N GLN A 238 1.97 25.51 3.81
CA GLN A 238 1.32 25.53 5.11
C GLN A 238 0.52 24.29 5.46
N MET A 239 0.83 23.75 6.63
CA MET A 239 -0.11 23.08 7.52
C MET A 239 0.67 22.48 8.68
N ALA A 240 0.10 22.56 9.88
CA ALA A 240 0.59 21.78 11.01
C ALA A 240 0.34 20.34 10.61
N ALA A 241 1.40 19.70 10.10
CA ALA A 241 1.41 18.27 9.87
C ALA A 241 0.01 17.63 9.87
N THR A 242 -0.72 17.73 8.77
CA THR A 242 -1.83 16.79 8.51
C THR A 242 -1.15 15.43 8.34
N GLU A 243 0.01 15.37 9.00
CA GLU A 243 0.87 14.22 9.08
C GLU A 243 0.67 13.72 10.51
N GLN A 244 1.38 12.65 10.89
CA GLN A 244 0.65 11.63 11.60
C GLN A 244 1.40 10.76 12.59
N ASP A 245 0.60 10.11 13.41
CA ASP A 245 1.06 9.17 14.42
C ASP A 245 1.44 7.85 13.76
N LYS A 246 2.22 7.07 14.49
CA LYS A 246 2.86 5.85 13.99
C LYS A 246 1.93 4.64 13.82
N THR A 247 2.47 3.55 13.28
CA THR A 247 1.70 2.37 12.86
C THR A 247 1.39 1.41 14.01
N PRO A 248 0.24 0.72 13.96
CA PRO A 248 -0.13 -0.25 14.98
C PRO A 248 1.04 -1.07 15.53
N LEU A 249 1.79 -1.74 14.67
CA LEU A 249 2.93 -2.55 15.13
C LEU A 249 4.03 -1.69 15.76
N GLN A 250 4.14 -0.46 15.29
CA GLN A 250 5.08 0.49 15.88
C GLN A 250 4.62 0.83 17.29
N GLN A 251 3.31 1.01 17.48
CA GLN A 251 2.72 1.36 18.77
C GLN A 251 2.77 0.16 19.73
N LYS A 252 2.70 -1.03 19.16
CA LYS A 252 2.89 -2.29 19.89
C LYS A 252 4.30 -2.40 20.49
N LEU A 253 5.31 -2.28 19.64
CA LEU A 253 6.70 -2.38 20.09
C LEU A 253 7.10 -1.24 21.02
N ASP A 254 6.47 -0.09 20.80
CA ASP A 254 6.65 1.07 21.67
C ASP A 254 6.14 0.74 23.07
N GLU A 255 4.93 0.19 23.14
CA GLU A 255 4.36 -0.27 24.39
C GLU A 255 5.23 -1.36 25.01
N PHE A 256 5.77 -2.24 24.18
CA PHE A 256 6.68 -3.27 24.66
C PHE A 256 7.98 -2.70 25.23
N GLY A 257 8.47 -1.62 24.63
CA GLY A 257 9.69 -0.96 25.10
C GLY A 257 9.46 -0.09 26.32
N GLU A 258 8.25 0.45 26.44
CA GLU A 258 7.83 1.20 27.61
C GLU A 258 7.91 0.32 28.86
N GLN A 259 7.36 -0.89 28.76
CA GLN A 259 7.31 -1.79 29.91
C GLN A 259 8.57 -2.63 30.05
N LEU A 260 9.48 -2.54 29.10
CA LEU A 260 10.79 -3.08 29.32
C LEU A 260 11.64 -2.08 30.09
N SER A 261 11.29 -0.80 29.98
CA SER A 261 11.91 0.24 30.81
C SER A 261 11.57 0.05 32.28
N LYS A 262 10.32 -0.35 32.56
CA LYS A 262 9.91 -0.72 33.92
C LYS A 262 10.85 -1.77 34.52
N VAL A 263 10.88 -2.96 33.91
CA VAL A 263 11.62 -4.12 34.41
C VAL A 263 13.11 -3.85 34.61
N ILE A 264 13.71 -3.13 33.66
CA ILE A 264 15.12 -2.83 33.74
C ILE A 264 15.40 -1.87 34.89
N SER A 265 14.56 -0.85 35.05
CA SER A 265 14.65 0.05 36.20
C SER A 265 14.76 -0.74 37.50
N LEU A 266 13.89 -1.73 37.65
CA LEU A 266 13.81 -2.52 38.89
C LEU A 266 15.08 -3.33 39.12
N ILE A 267 15.50 -4.08 38.09
CA ILE A 267 16.73 -4.82 38.19
C ILE A 267 17.92 -3.90 38.42
N CYS A 268 17.83 -2.67 37.91
CA CYS A 268 18.87 -1.65 38.15
C CYS A 268 18.94 -1.17 39.59
N VAL A 269 17.81 -0.72 40.13
CA VAL A 269 17.74 -0.32 41.54
C VAL A 269 18.17 -1.50 42.39
N ALA A 270 17.73 -2.70 41.99
CA ALA A 270 18.13 -3.95 42.64
C ALA A 270 19.65 -4.17 42.70
N VAL A 271 20.35 -3.90 41.61
CA VAL A 271 21.81 -4.03 41.66
C VAL A 271 22.34 -3.15 42.79
N TRP A 272 21.94 -1.88 42.77
CA TRP A 272 22.37 -0.89 43.75
C TRP A 272 22.01 -1.30 45.17
N LEU A 273 20.89 -2.00 45.34
CA LEU A 273 20.52 -2.50 46.66
C LEU A 273 21.30 -3.77 47.00
N ILE A 274 21.21 -4.79 46.15
CA ILE A 274 21.93 -6.05 46.39
C ILE A 274 23.38 -5.81 46.79
N ASN A 275 23.90 -4.64 46.43
CA ASN A 275 25.25 -4.27 46.81
C ASN A 275 25.23 -3.14 47.86
N ILE A 276 26.23 -2.26 47.86
CA ILE A 276 26.35 -1.23 48.89
C ILE A 276 26.55 -1.85 50.28
N GLY A 277 26.47 -3.17 50.36
CA GLY A 277 27.22 -3.91 51.36
C GLY A 277 28.70 -3.77 51.04
N HIS A 278 29.03 -3.77 49.75
CA HIS A 278 30.40 -3.51 49.28
C HIS A 278 30.73 -2.03 49.18
N PHE A 279 29.94 -1.20 49.85
CA PHE A 279 30.16 0.23 49.85
C PHE A 279 30.94 0.74 51.06
N ASN A 280 31.93 -0.05 51.48
CA ASN A 280 32.89 0.36 52.49
C ASN A 280 34.22 -0.31 52.21
N ASP A 281 34.33 -0.96 51.05
CA ASP A 281 35.43 -1.88 50.81
C ASP A 281 36.69 -1.11 50.42
N PRO A 282 37.86 -1.75 50.52
CA PRO A 282 39.13 -1.04 50.38
C PRO A 282 39.28 -0.33 49.04
N VAL A 283 38.47 -0.73 48.07
CA VAL A 283 38.66 -0.35 46.68
C VAL A 283 38.43 1.15 46.44
N HIS A 284 37.40 1.72 47.05
CA HIS A 284 37.14 3.16 46.95
C HIS A 284 37.49 3.85 48.26
N GLY A 285 38.38 3.22 49.03
CA GLY A 285 38.85 3.76 50.30
C GLY A 285 37.82 3.75 51.41
N GLY A 286 36.78 2.94 51.26
CA GLY A 286 35.75 2.80 52.28
C GLY A 286 34.88 3.99 52.59
N SER A 287 34.91 5.02 51.74
CA SER A 287 34.11 6.24 51.95
C SER A 287 32.61 5.96 51.94
N TRP A 288 31.87 6.72 52.75
CA TRP A 288 30.41 6.56 52.86
C TRP A 288 29.63 7.32 51.77
N ILE A 289 30.34 7.75 50.71
CA ILE A 289 29.73 8.19 49.46
C ILE A 289 30.30 7.46 48.22
N ARG A 290 31.61 7.26 48.17
CA ARG A 290 32.28 6.82 46.93
C ARG A 290 31.71 5.57 46.26
N GLY A 291 31.72 4.43 46.95
CA GLY A 291 31.17 3.18 46.40
C GLY A 291 29.66 3.11 46.19
N ALA A 292 28.92 4.14 46.61
CA ALA A 292 27.50 4.25 46.30
C ALA A 292 27.34 4.85 44.91
N ILE A 293 28.23 5.79 44.57
CA ILE A 293 28.32 6.34 43.22
C ILE A 293 28.85 5.29 42.24
N TYR A 294 29.79 4.46 42.69
CA TYR A 294 30.34 3.40 41.83
C TYR A 294 29.28 2.39 41.44
N TYR A 295 28.58 1.85 42.43
CA TYR A 295 27.51 0.90 42.17
C TYR A 295 26.29 1.55 41.48
N PHE A 296 26.13 2.86 41.65
CA PHE A 296 25.16 3.61 40.88
C PHE A 296 25.58 3.64 39.42
N LYS A 297 26.88 3.82 39.20
CA LYS A 297 27.46 3.69 37.88
C LYS A 297 27.29 2.28 37.32
N ILE A 298 27.44 1.24 38.13
CA ILE A 298 27.17 -0.12 37.66
C ILE A 298 25.72 -0.28 37.21
N ALA A 299 24.79 0.35 37.92
CA ALA A 299 23.36 0.28 37.59
C ALA A 299 23.09 0.89 36.22
N VAL A 300 23.47 2.16 36.08
CA VAL A 300 23.27 2.93 34.86
C VAL A 300 23.91 2.26 33.66
N ALA A 301 25.16 1.85 33.82
CA ALA A 301 25.84 1.11 32.78
C ALA A 301 25.05 -0.14 32.45
N LEU A 302 24.48 -0.79 33.46
CA LEU A 302 23.70 -2.00 33.22
C LEU A 302 22.38 -1.69 32.50
N ALA A 303 21.81 -0.52 32.76
CA ALA A 303 20.56 -0.10 32.11
C ALA A 303 20.81 0.17 30.62
N VAL A 304 21.82 0.98 30.35
CA VAL A 304 22.25 1.25 28.98
C VAL A 304 22.52 -0.05 28.25
N ALA A 305 23.13 -0.99 28.94
CA ALA A 305 23.36 -2.33 28.42
C ALA A 305 22.05 -3.01 28.05
N ALA A 306 21.21 -3.26 29.06
CA ALA A 306 20.01 -4.06 28.89
C ALA A 306 19.03 -3.43 27.90
N ILE A 307 18.85 -2.11 27.98
CA ILE A 307 17.99 -1.37 27.06
C ILE A 307 18.32 -1.67 25.60
N PRO A 308 17.31 -2.02 24.81
CA PRO A 308 17.46 -2.13 23.36
C PRO A 308 17.44 -0.76 22.68
N GLU A 309 18.49 0.04 22.87
CA GLU A 309 18.52 1.39 22.32
C GLU A 309 18.20 1.50 20.81
N GLY A 310 18.46 0.43 20.05
CA GLY A 310 18.21 0.41 18.61
C GLY A 310 16.84 -0.07 18.15
N LEU A 311 15.92 -0.30 19.07
CA LEU A 311 14.58 -0.77 18.70
C LEU A 311 13.77 0.25 17.90
N PRO A 312 13.74 1.50 18.33
CA PRO A 312 13.06 2.55 17.56
C PRO A 312 13.58 2.73 16.13
N ALA A 313 14.89 2.59 15.94
CA ALA A 313 15.48 2.77 14.61
C ALA A 313 15.18 1.60 13.69
N VAL A 314 15.31 0.38 14.21
CA VAL A 314 15.17 -0.83 13.40
C VAL A 314 13.74 -0.99 12.85
N ILE A 315 12.75 -0.46 13.56
CA ILE A 315 11.39 -0.52 13.02
C ILE A 315 11.28 0.54 11.95
N THR A 316 11.64 1.77 12.31
CA THR A 316 11.64 2.86 11.34
C THR A 316 12.28 2.41 10.03
N THR A 317 13.45 1.78 10.17
CA THR A 317 14.21 1.26 9.05
C THR A 317 13.48 0.17 8.25
N CYS A 318 13.09 -0.91 8.90
CA CYS A 318 12.37 -2.00 8.21
C CYS A 318 11.13 -1.49 7.47
N LEU A 319 10.51 -0.47 8.05
CA LEU A 319 9.44 0.24 7.41
C LEU A 319 9.92 0.98 6.16
N ALA A 320 10.86 1.90 6.31
CA ALA A 320 11.34 2.65 5.16
C ALA A 320 11.85 1.67 4.11
N LEU A 321 12.49 0.60 4.56
CA LEU A 321 12.99 -0.43 3.66
C LEU A 321 11.87 -1.15 2.96
N GLY A 322 10.79 -1.48 3.68
CA GLY A 322 9.65 -2.09 3.02
C GLY A 322 9.08 -1.18 1.94
N THR A 323 9.00 0.11 2.21
CA THR A 323 8.52 1.08 1.22
C THR A 323 9.42 1.12 0.01
N ARG A 324 10.71 1.13 0.27
CA ARG A 324 11.66 1.25 -0.82
C ARG A 324 11.53 0.05 -1.77
N ARG A 325 11.27 -1.14 -1.23
CA ARG A 325 11.08 -2.34 -2.06
C ARG A 325 9.74 -2.28 -2.81
N MET A 326 8.69 -1.87 -2.11
CA MET A 326 7.41 -1.73 -2.79
C MET A 326 7.54 -0.76 -3.94
N ALA A 327 8.28 0.33 -3.76
CA ALA A 327 8.47 1.33 -4.84
C ALA A 327 9.22 0.74 -6.03
N LYS A 328 10.18 -0.14 -5.75
CA LYS A 328 10.90 -0.88 -6.78
C LYS A 328 10.00 -1.84 -7.54
N LYS A 329 8.87 -2.25 -6.94
CA LYS A 329 7.85 -3.00 -7.67
C LYS A 329 6.71 -2.11 -8.17
N ASN A 330 6.96 -0.81 -8.26
CA ASN A 330 5.99 0.15 -8.76
C ASN A 330 4.73 0.27 -7.90
N ALA A 331 4.82 -0.03 -6.61
CA ALA A 331 3.69 0.18 -5.72
C ALA A 331 3.96 1.38 -4.84
N ILE A 332 2.98 2.28 -4.81
CA ILE A 332 3.09 3.55 -4.12
C ILE A 332 2.42 3.33 -2.79
N VAL A 333 3.14 3.48 -1.69
CA VAL A 333 2.51 3.40 -0.39
C VAL A 333 2.11 4.78 0.11
N ARG A 334 0.81 5.03 0.18
CA ARG A 334 0.26 6.32 0.59
C ARG A 334 0.11 6.40 2.11
N SER A 335 0.32 5.28 2.79
CA SER A 335 0.08 5.18 4.23
C SER A 335 0.89 4.02 4.82
N LEU A 336 1.88 4.35 5.65
CA LEU A 336 2.85 3.39 6.19
C LEU A 336 2.36 2.02 6.66
N PRO A 337 1.33 1.98 7.51
CA PRO A 337 0.85 0.69 8.01
C PRO A 337 0.46 -0.34 6.93
N SER A 338 0.42 0.07 5.66
CA SER A 338 -0.18 -0.75 4.62
C SER A 338 0.55 -2.06 4.42
N VAL A 339 1.86 -2.07 4.59
CA VAL A 339 2.62 -3.28 4.35
C VAL A 339 2.51 -4.27 5.53
N GLU A 340 2.67 -3.77 6.75
CA GLU A 340 2.47 -4.62 7.93
C GLU A 340 1.04 -5.15 8.00
N THR A 341 0.07 -4.29 7.69
CA THR A 341 -1.31 -4.72 7.79
C THR A 341 -1.52 -5.76 6.71
N LEU A 342 -1.10 -5.44 5.50
CA LEU A 342 -1.28 -6.39 4.43
C LEU A 342 -0.61 -7.72 4.78
N GLY A 343 0.46 -7.64 5.56
CA GLY A 343 1.17 -8.81 6.08
C GLY A 343 0.26 -9.85 6.70
N CYS A 344 -0.64 -9.43 7.57
CA CYS A 344 -1.57 -10.39 8.17
C CYS A 344 -3.00 -10.22 7.64
N THR A 345 -3.12 -10.39 6.34
CA THR A 345 -4.39 -10.31 5.65
C THR A 345 -4.81 -11.72 5.38
N SER A 346 -6.05 -12.04 5.75
CA SER A 346 -6.62 -13.35 5.50
C SER A 346 -7.55 -13.31 4.30
N VAL A 347 -7.97 -12.10 3.89
CA VAL A 347 -8.94 -11.94 2.80
C VAL A 347 -8.65 -10.75 1.89
N ILE A 348 -8.62 -11.03 0.59
CA ILE A 348 -8.46 -10.02 -0.44
C ILE A 348 -9.72 -10.05 -1.30
N CYS A 349 -10.63 -9.11 -1.02
CA CYS A 349 -11.76 -8.83 -1.91
C CYS A 349 -11.23 -8.07 -3.11
N SER A 350 -11.84 -8.33 -4.27
CA SER A 350 -11.43 -7.65 -5.48
C SER A 350 -12.51 -7.43 -6.54
N ASP A 351 -12.64 -6.15 -6.92
CA ASP A 351 -13.34 -5.75 -8.16
C ASP A 351 -12.86 -6.61 -9.32
N LYS A 352 -13.65 -6.70 -10.39
CA LYS A 352 -13.24 -7.48 -11.55
C LYS A 352 -12.78 -6.61 -12.69
N THR A 353 -13.69 -5.77 -13.19
CA THR A 353 -13.46 -5.08 -14.46
C THR A 353 -12.39 -4.01 -14.27
N GLY A 354 -11.30 -4.18 -14.99
CA GLY A 354 -10.18 -3.24 -14.91
C GLY A 354 -9.19 -3.55 -13.80
N THR A 355 -9.53 -4.51 -12.95
CA THR A 355 -8.75 -4.82 -11.78
C THR A 355 -8.15 -6.19 -11.98
N LEU A 356 -8.97 -7.24 -11.87
CA LEU A 356 -8.58 -8.58 -12.29
C LEU A 356 -8.41 -8.71 -13.81
N THR A 357 -9.15 -7.94 -14.61
CA THR A 357 -8.97 -7.95 -16.06
C THR A 357 -8.29 -6.69 -16.50
N THR A 358 -7.89 -6.66 -17.77
CA THR A 358 -6.99 -5.67 -18.31
C THR A 358 -7.68 -4.37 -18.63
N ASN A 359 -9.00 -4.44 -18.78
CA ASN A 359 -9.82 -3.26 -19.12
C ASN A 359 -9.52 -2.76 -20.51
N GLN A 360 -8.94 -3.64 -21.32
CA GLN A 360 -8.75 -3.37 -22.73
C GLN A 360 -9.89 -4.07 -23.43
N MET A 361 -11.00 -3.34 -23.53
CA MET A 361 -12.26 -3.86 -24.04
C MET A 361 -12.34 -3.80 -25.56
N SER A 362 -12.85 -4.88 -26.12
CA SER A 362 -13.12 -4.98 -27.53
C SER A 362 -14.46 -5.62 -27.81
N VAL A 363 -15.25 -5.03 -28.70
CA VAL A 363 -16.48 -5.68 -29.09
C VAL A 363 -16.18 -6.65 -30.21
N CYS A 364 -16.35 -7.95 -29.94
CA CYS A 364 -16.05 -8.95 -30.94
C CYS A 364 -17.27 -9.69 -31.43
N LYS A 365 -18.36 -9.69 -30.67
CA LYS A 365 -19.60 -10.28 -31.15
C LYS A 365 -20.77 -9.31 -30.91
N MET A 366 -21.75 -9.34 -31.81
CA MET A 366 -22.99 -8.58 -31.62
C MET A 366 -24.12 -9.26 -32.36
N PHE A 367 -25.36 -9.00 -31.97
CA PHE A 367 -26.49 -9.47 -32.73
C PHE A 367 -27.74 -8.61 -32.57
N ILE A 368 -28.56 -8.68 -33.62
CA ILE A 368 -29.90 -8.10 -33.66
C ILE A 368 -30.89 -9.19 -34.01
N ILE A 369 -32.16 -8.84 -34.05
CA ILE A 369 -33.20 -9.78 -34.40
C ILE A 369 -33.27 -9.92 -35.92
N ASP A 370 -33.67 -11.11 -36.37
CA ASP A 370 -33.76 -11.44 -37.78
C ASP A 370 -35.18 -11.90 -38.14
N LYS A 371 -35.63 -13.00 -37.55
CA LYS A 371 -37.01 -13.46 -37.75
C LYS A 371 -37.69 -13.73 -36.43
N VAL A 372 -38.93 -13.27 -36.34
CA VAL A 372 -39.83 -13.55 -35.23
C VAL A 372 -41.16 -13.98 -35.83
N ASP A 373 -41.53 -15.22 -35.57
CA ASP A 373 -42.77 -15.75 -36.09
C ASP A 373 -43.26 -16.83 -35.13
N GLY A 374 -44.13 -16.41 -34.22
CA GLY A 374 -44.68 -17.29 -33.20
C GLY A 374 -43.54 -17.75 -32.32
N ASP A 375 -43.58 -19.00 -31.89
CA ASP A 375 -42.57 -19.53 -30.97
C ASP A 375 -41.16 -19.64 -31.55
N PHE A 376 -41.04 -19.32 -32.84
CA PHE A 376 -39.74 -19.28 -33.49
C PHE A 376 -39.14 -17.88 -33.38
N CYS A 377 -37.88 -17.83 -32.92
CA CYS A 377 -37.15 -16.57 -32.91
C CYS A 377 -35.71 -16.77 -33.34
N SER A 378 -35.26 -15.89 -34.23
CA SER A 378 -33.90 -15.99 -34.78
C SER A 378 -33.18 -14.65 -34.86
N LEU A 379 -31.87 -14.73 -34.66
CA LEU A 379 -30.98 -13.59 -34.55
C LEU A 379 -30.00 -13.54 -35.68
N ASN A 380 -29.73 -12.34 -36.17
CA ASN A 380 -28.54 -12.09 -36.97
C ASN A 380 -27.33 -11.79 -36.10
N GLU A 381 -26.45 -12.76 -35.92
CA GLU A 381 -25.18 -12.55 -35.22
C GLU A 381 -24.08 -12.12 -36.16
N PHE A 382 -23.05 -11.56 -35.55
CA PHE A 382 -21.96 -10.91 -36.24
C PHE A 382 -20.72 -11.00 -35.39
N SER A 383 -19.57 -10.93 -36.06
CA SER A 383 -18.28 -10.99 -35.39
C SER A 383 -17.59 -9.73 -35.76
N ILE A 384 -16.69 -9.28 -34.91
CA ILE A 384 -15.94 -8.09 -35.20
C ILE A 384 -14.50 -8.37 -34.86
N THR A 385 -13.63 -8.11 -35.83
CA THR A 385 -12.20 -8.25 -35.62
C THR A 385 -11.57 -6.92 -35.14
N GLY A 386 -10.37 -7.06 -34.56
CA GLY A 386 -9.62 -5.98 -33.93
C GLY A 386 -9.85 -6.00 -32.43
N SER A 387 -8.78 -6.22 -31.66
CA SER A 387 -8.83 -6.38 -30.20
C SER A 387 -8.61 -5.09 -29.43
N THR A 388 -8.19 -4.09 -30.17
CA THR A 388 -7.55 -2.93 -29.62
C THR A 388 -8.56 -1.81 -29.82
N TYR A 389 -8.31 -0.57 -29.41
CA TYR A 389 -9.33 0.47 -29.64
C TYR A 389 -9.21 1.13 -31.00
N ALA A 390 -8.48 0.49 -31.91
CA ALA A 390 -8.15 1.10 -33.16
C ALA A 390 -9.33 0.84 -34.07
N PRO A 391 -9.75 1.84 -34.85
CA PRO A 391 -10.86 1.69 -35.81
C PRO A 391 -10.55 0.72 -36.99
N GLU A 392 -9.68 -0.23 -36.78
CA GLU A 392 -9.28 -1.04 -37.90
C GLU A 392 -9.78 -2.44 -37.63
N GLY A 393 -10.59 -2.94 -38.55
CA GLY A 393 -11.19 -4.25 -38.35
C GLY A 393 -12.46 -4.26 -39.15
N GLU A 394 -13.11 -5.42 -39.18
CA GLU A 394 -14.25 -5.63 -40.06
C GLU A 394 -15.37 -6.38 -39.38
N VAL A 395 -16.58 -6.18 -39.87
CA VAL A 395 -17.70 -6.94 -39.39
C VAL A 395 -17.83 -8.17 -40.28
N LEU A 396 -17.92 -9.33 -39.65
CA LEU A 396 -18.19 -10.56 -40.38
C LEU A 396 -19.55 -11.15 -40.05
N LYS A 397 -20.34 -11.41 -41.09
CA LYS A 397 -21.42 -12.38 -40.99
C LYS A 397 -21.08 -13.56 -41.88
N ASN A 398 -21.23 -14.78 -41.33
CA ASN A 398 -20.91 -16.03 -42.01
C ASN A 398 -19.57 -15.96 -42.72
N ASP A 399 -18.51 -15.75 -41.95
CA ASP A 399 -17.14 -15.62 -42.45
C ASP A 399 -16.93 -14.64 -43.60
N LYS A 400 -17.96 -13.93 -44.04
CA LYS A 400 -17.83 -12.96 -45.14
C LYS A 400 -18.00 -11.52 -44.60
N PRO A 401 -17.11 -10.61 -44.97
CA PRO A 401 -17.18 -9.19 -44.57
C PRO A 401 -18.42 -8.45 -45.05
N ILE A 402 -19.11 -7.78 -44.15
CA ILE A 402 -20.31 -7.06 -44.56
C ILE A 402 -20.20 -5.57 -44.34
N ARG A 403 -21.13 -4.89 -45.00
CA ARG A 403 -21.28 -3.45 -44.99
C ARG A 403 -22.47 -3.27 -44.07
N SER A 404 -22.22 -2.85 -42.84
CA SER A 404 -23.24 -2.90 -41.80
C SER A 404 -24.49 -2.10 -42.17
N GLY A 405 -24.30 -1.00 -42.88
CA GLY A 405 -25.44 -0.23 -43.36
C GLY A 405 -26.45 -1.05 -44.13
N GLN A 406 -26.09 -2.28 -44.48
CA GLN A 406 -26.98 -3.20 -45.18
C GLN A 406 -28.13 -3.55 -44.26
N PHE A 407 -27.86 -3.61 -42.96
CA PHE A 407 -28.86 -4.02 -41.98
C PHE A 407 -29.37 -2.90 -41.09
N ASP A 408 -30.62 -2.50 -41.32
CA ASP A 408 -31.25 -1.41 -40.58
C ASP A 408 -31.06 -1.61 -39.08
N GLY A 409 -31.30 -2.83 -38.61
CA GLY A 409 -30.99 -3.23 -37.23
C GLY A 409 -29.62 -2.81 -36.72
N LEU A 410 -28.60 -3.02 -37.52
CA LEU A 410 -27.25 -2.58 -37.16
C LEU A 410 -27.13 -1.07 -37.26
N VAL A 411 -27.89 -0.43 -38.14
CA VAL A 411 -27.82 1.04 -38.22
C VAL A 411 -28.26 1.65 -36.89
N GLU A 412 -29.40 1.20 -36.40
CA GLU A 412 -29.83 1.64 -35.11
C GLU A 412 -28.82 1.24 -34.00
N LEU A 413 -28.40 -0.01 -33.98
CA LEU A 413 -27.35 -0.44 -33.05
C LEU A 413 -26.22 0.58 -33.03
N ALA A 414 -25.73 0.93 -34.21
CA ALA A 414 -24.61 1.85 -34.27
C ALA A 414 -25.05 3.21 -33.73
N THR A 415 -26.24 3.63 -34.13
CA THR A 415 -26.76 4.91 -33.68
C THR A 415 -26.73 5.04 -32.16
N ILE A 416 -27.34 4.09 -31.46
CA ILE A 416 -27.32 4.08 -30.00
C ILE A 416 -25.90 4.09 -29.44
N CYS A 417 -25.04 3.19 -29.91
CA CYS A 417 -23.71 3.09 -29.36
C CYS A 417 -23.01 4.42 -29.38
N ALA A 418 -23.16 5.11 -30.51
CA ALA A 418 -22.60 6.44 -30.74
C ALA A 418 -23.18 7.51 -29.83
N LEU A 419 -24.50 7.56 -29.72
CA LEU A 419 -25.19 8.65 -29.03
C LEU A 419 -25.27 8.47 -27.51
N CYS A 420 -25.39 7.23 -27.08
CA CYS A 420 -25.55 6.99 -25.68
C CYS A 420 -24.19 6.66 -25.05
N ASN A 421 -23.29 7.65 -25.04
CA ASN A 421 -21.85 7.41 -24.82
C ASN A 421 -21.12 8.68 -24.33
N ASP A 422 -20.53 8.65 -23.14
CA ASP A 422 -19.76 9.81 -22.67
C ASP A 422 -18.28 9.72 -22.92
N SER A 423 -17.88 8.83 -23.82
CA SER A 423 -16.49 8.55 -24.05
C SER A 423 -16.14 8.73 -25.52
N SER A 424 -14.87 8.66 -25.83
CA SER A 424 -14.44 8.91 -27.21
C SER A 424 -13.05 8.34 -27.35
N LEU A 425 -12.42 8.58 -28.50
CA LEU A 425 -11.09 8.05 -28.75
C LEU A 425 -10.17 9.17 -29.09
N ASP A 426 -8.91 9.00 -28.70
CA ASP A 426 -7.86 9.94 -29.06
C ASP A 426 -6.66 9.16 -29.56
N PHE A 427 -6.03 9.65 -30.61
CA PHE A 427 -4.91 8.94 -31.16
C PHE A 427 -3.64 9.56 -30.63
N ASN A 428 -2.83 8.77 -29.95
CA ASN A 428 -1.55 9.26 -29.48
C ASN A 428 -0.55 9.35 -30.64
N GLU A 429 -0.19 10.57 -31.04
CA GLU A 429 0.76 10.77 -32.13
C GLU A 429 2.14 10.22 -31.78
N THR A 430 2.61 10.48 -30.56
CA THR A 430 3.91 9.96 -30.13
C THR A 430 3.90 8.43 -29.99
N LYS A 431 3.23 7.89 -28.98
CA LYS A 431 3.09 6.43 -28.87
C LYS A 431 2.50 5.76 -30.11
N GLY A 432 1.85 6.55 -30.96
CA GLY A 432 1.26 6.05 -32.19
C GLY A 432 0.09 5.11 -31.98
N VAL A 433 -0.69 5.31 -30.92
CA VAL A 433 -1.78 4.36 -30.57
C VAL A 433 -3.09 5.03 -30.16
N TYR A 434 -4.21 4.46 -30.58
CA TYR A 434 -5.56 4.93 -30.22
C TYR A 434 -5.90 4.66 -28.76
N GLU A 435 -6.09 5.73 -28.00
CA GLU A 435 -6.33 5.62 -26.55
C GLU A 435 -7.74 6.05 -26.18
N LYS A 436 -8.28 5.41 -25.17
CA LYS A 436 -9.64 5.74 -24.71
C LYS A 436 -9.66 7.04 -23.93
N VAL A 437 -10.84 7.63 -23.85
CA VAL A 437 -11.11 8.84 -23.07
C VAL A 437 -12.40 8.54 -22.34
N GLY A 438 -12.35 8.44 -21.03
CA GLY A 438 -13.53 7.91 -20.32
C GLY A 438 -13.48 6.38 -20.31
N GLU A 439 -14.62 5.76 -20.03
CA GLU A 439 -14.62 4.37 -19.64
C GLU A 439 -14.40 3.42 -20.84
N ALA A 440 -13.70 2.33 -20.58
CA ALA A 440 -13.42 1.30 -21.59
C ALA A 440 -14.64 0.63 -22.23
N THR A 441 -15.60 0.22 -21.43
CA THR A 441 -16.83 -0.34 -21.97
C THR A 441 -17.44 0.54 -23.01
N GLU A 442 -17.52 1.84 -22.67
CA GLU A 442 -18.06 2.88 -23.53
C GLU A 442 -17.16 3.12 -24.72
N THR A 443 -15.86 3.16 -24.48
CA THR A 443 -14.96 3.42 -25.59
C THR A 443 -15.03 2.27 -26.59
N ALA A 444 -15.16 1.03 -26.10
CA ALA A 444 -15.25 -0.08 -26.99
C ALA A 444 -16.38 0.17 -27.98
N LEU A 445 -17.52 0.66 -27.50
CA LEU A 445 -18.62 0.95 -28.39
C LEU A 445 -18.18 1.95 -29.46
N THR A 446 -17.46 2.97 -29.02
CA THR A 446 -17.00 4.00 -29.94
C THR A 446 -16.23 3.33 -31.06
N THR A 447 -15.25 2.52 -30.69
CA THR A 447 -14.41 1.93 -31.74
C THR A 447 -15.23 0.97 -32.60
N LEU A 448 -16.19 0.29 -31.99
CA LEU A 448 -17.15 -0.49 -32.76
C LEU A 448 -17.80 0.33 -33.86
N VAL A 449 -18.34 1.51 -33.53
CA VAL A 449 -19.11 2.20 -34.55
C VAL A 449 -18.25 2.54 -35.76
N GLU A 450 -17.04 3.03 -35.52
CA GLU A 450 -16.10 3.37 -36.59
C GLU A 450 -15.88 2.19 -37.51
N LYS A 451 -15.77 1.00 -36.93
CA LYS A 451 -15.66 -0.22 -37.72
C LYS A 451 -16.94 -0.48 -38.51
N MET A 452 -18.13 -0.30 -37.92
CA MET A 452 -19.35 -0.61 -38.65
C MET A 452 -19.63 0.36 -39.83
N ASN A 453 -19.15 1.59 -39.72
CA ASN A 453 -19.34 2.63 -40.73
C ASN A 453 -20.66 2.57 -41.52
N VAL A 454 -21.76 2.63 -40.78
CA VAL A 454 -23.10 2.34 -41.30
C VAL A 454 -23.66 3.28 -42.36
N PHE A 455 -23.15 4.51 -42.43
CA PHE A 455 -23.57 5.41 -43.50
C PHE A 455 -22.52 5.48 -44.59
N ASN A 456 -21.76 4.40 -44.74
CA ASN A 456 -20.78 4.29 -45.81
C ASN A 456 -19.94 5.57 -45.95
N THR A 457 -19.60 6.21 -44.84
CA THR A 457 -18.86 7.46 -44.86
C THR A 457 -17.45 7.25 -45.37
N GLU A 458 -16.90 8.26 -46.06
CA GLU A 458 -15.61 8.11 -46.71
C GLU A 458 -14.51 8.42 -45.71
N VAL A 459 -13.78 7.40 -45.29
CA VAL A 459 -12.79 7.53 -44.22
C VAL A 459 -11.37 7.12 -44.64
N ARG A 460 -11.24 6.41 -45.75
CA ARG A 460 -9.92 6.01 -46.24
C ARG A 460 -8.94 7.17 -46.37
N ASN A 461 -9.44 8.36 -46.69
CA ASN A 461 -8.59 9.54 -46.87
C ASN A 461 -8.37 10.44 -45.64
N LEU A 462 -8.47 9.90 -44.42
CA LEU A 462 -8.38 10.71 -43.20
C LEU A 462 -7.16 10.42 -42.33
N SER A 463 -6.65 11.42 -41.64
CA SER A 463 -5.53 11.17 -40.75
C SER A 463 -5.95 10.22 -39.64
N LYS A 464 -4.96 9.60 -39.03
CA LYS A 464 -5.23 8.69 -37.94
C LYS A 464 -5.92 9.44 -36.80
N VAL A 465 -5.65 10.74 -36.68
CA VAL A 465 -6.37 11.58 -35.73
C VAL A 465 -7.85 11.73 -36.10
N GLU A 466 -8.14 12.02 -37.36
CA GLU A 466 -9.53 12.25 -37.78
C GLU A 466 -10.34 10.95 -37.81
N ARG A 467 -9.69 9.88 -38.24
CA ARG A 467 -10.32 8.58 -38.36
C ARG A 467 -10.91 8.06 -37.04
N ALA A 468 -10.36 8.55 -35.93
CA ALA A 468 -10.74 8.12 -34.59
C ALA A 468 -12.22 8.25 -34.27
N ASN A 469 -12.82 9.37 -34.62
CA ASN A 469 -14.21 9.63 -34.23
C ASN A 469 -15.15 9.96 -35.41
N ALA A 470 -14.64 9.80 -36.63
CA ALA A 470 -15.35 10.22 -37.85
C ALA A 470 -16.79 9.68 -38.00
N CYS A 471 -16.94 8.36 -37.99
CA CYS A 471 -18.26 7.72 -38.11
C CYS A 471 -19.21 8.10 -36.98
N ASN A 472 -18.66 8.23 -35.78
CA ASN A 472 -19.44 8.65 -34.63
C ASN A 472 -19.97 10.06 -34.85
N SER A 473 -19.11 10.95 -35.32
CA SER A 473 -19.47 12.36 -35.51
C SER A 473 -20.58 12.48 -36.50
N VAL A 474 -20.57 11.53 -37.43
CA VAL A 474 -21.51 11.53 -38.53
C VAL A 474 -22.86 11.29 -37.91
N ILE A 475 -22.90 10.37 -36.97
CA ILE A 475 -24.15 10.05 -36.32
C ILE A 475 -24.57 11.22 -35.47
N ARG A 476 -23.62 11.77 -34.74
CA ARG A 476 -23.92 12.93 -33.92
C ARG A 476 -24.59 14.04 -34.73
N GLN A 477 -24.28 14.16 -36.01
CA GLN A 477 -24.97 15.14 -36.85
C GLN A 477 -26.42 14.79 -37.15
N LEU A 478 -26.79 13.54 -36.93
CA LEU A 478 -28.06 13.02 -37.43
C LEU A 478 -29.18 13.24 -36.41
N MET A 479 -28.79 13.47 -35.17
CA MET A 479 -29.68 13.63 -34.01
C MET A 479 -29.06 14.60 -32.99
N LYS A 480 -29.89 15.47 -32.42
CA LYS A 480 -29.42 16.39 -31.39
C LYS A 480 -29.63 15.78 -30.01
N LYS A 481 -28.57 15.84 -29.18
CA LYS A 481 -28.57 15.24 -27.85
C LYS A 481 -29.08 16.24 -26.82
N GLU A 482 -30.38 16.21 -26.58
CA GLU A 482 -30.98 17.18 -25.68
C GLU A 482 -30.25 17.05 -24.35
N PHE A 483 -30.39 15.89 -23.73
CA PHE A 483 -29.74 15.58 -22.45
C PHE A 483 -29.54 14.07 -22.26
N THR A 484 -28.86 13.74 -21.17
CA THR A 484 -28.49 12.39 -20.90
C THR A 484 -28.90 11.97 -19.48
N LEU A 485 -29.42 10.76 -19.33
CA LEU A 485 -29.59 10.25 -17.97
C LEU A 485 -28.37 9.41 -17.63
N GLU A 486 -27.39 10.05 -16.99
CA GLU A 486 -26.12 9.45 -16.56
C GLU A 486 -26.28 8.00 -16.18
N PHE A 487 -25.29 7.19 -16.49
CA PHE A 487 -25.24 5.84 -15.98
C PHE A 487 -25.21 5.83 -14.46
N SER A 488 -26.09 5.04 -13.86
CA SER A 488 -26.14 4.76 -12.43
C SER A 488 -26.26 3.25 -12.21
N ARG A 489 -25.63 2.74 -11.16
CA ARG A 489 -25.51 1.28 -10.95
C ARG A 489 -26.71 0.61 -10.32
N ASP A 490 -27.75 1.38 -10.00
CA ASP A 490 -28.91 0.73 -9.43
C ASP A 490 -29.74 0.15 -10.56
N ARG A 491 -30.08 0.99 -11.54
CA ARG A 491 -30.78 0.56 -12.71
C ARG A 491 -29.81 -0.15 -13.63
N LYS A 492 -28.51 0.07 -13.47
CA LYS A 492 -27.49 -0.54 -14.34
C LYS A 492 -27.69 -0.24 -15.82
N SER A 493 -28.02 1.02 -16.09
CA SER A 493 -28.17 1.46 -17.47
C SER A 493 -28.07 2.95 -17.53
N MET A 494 -28.11 3.46 -18.76
CA MET A 494 -27.94 4.87 -19.08
C MET A 494 -28.75 5.22 -20.32
N SER A 495 -29.16 6.48 -20.38
CA SER A 495 -30.09 6.98 -21.36
C SER A 495 -29.60 8.28 -21.98
N VAL A 496 -30.22 8.61 -23.10
CA VAL A 496 -29.92 9.82 -23.81
C VAL A 496 -31.17 10.20 -24.61
N TYR A 497 -31.63 11.43 -24.41
CA TYR A 497 -32.82 12.00 -25.07
C TYR A 497 -32.42 12.84 -26.27
N CYS A 498 -32.95 12.48 -27.44
CA CYS A 498 -32.55 13.10 -28.71
C CYS A 498 -33.71 13.50 -29.58
N SER A 499 -33.48 14.55 -30.37
CA SER A 499 -34.42 14.99 -31.39
C SER A 499 -33.68 15.11 -32.73
N PRO A 500 -34.38 15.04 -33.85
CA PRO A 500 -33.74 15.11 -35.17
C PRO A 500 -33.04 16.44 -35.44
N ALA A 501 -32.07 16.39 -36.34
CA ALA A 501 -30.88 17.21 -36.21
C ALA A 501 -30.98 18.60 -36.79
N LYS A 502 -31.52 18.73 -38.00
CA LYS A 502 -31.54 20.04 -38.65
C LYS A 502 -32.71 20.87 -38.11
N SER A 503 -33.53 20.21 -37.28
CA SER A 503 -34.90 20.61 -37.00
C SER A 503 -35.69 20.60 -38.33
N SER A 504 -35.21 19.79 -39.29
CA SER A 504 -35.75 19.73 -40.66
C SER A 504 -37.24 19.37 -40.65
N ARG A 505 -37.56 18.37 -39.83
CA ARG A 505 -38.93 17.99 -39.55
C ARG A 505 -39.15 17.92 -38.03
N ALA A 506 -39.82 18.96 -37.52
CA ALA A 506 -40.26 19.05 -36.13
C ALA A 506 -41.43 18.07 -35.91
N ALA A 507 -41.27 17.19 -34.91
CA ALA A 507 -42.27 16.18 -34.50
C ALA A 507 -42.46 15.06 -35.52
N VAL A 508 -41.36 14.53 -36.04
CA VAL A 508 -41.33 13.18 -36.65
C VAL A 508 -40.81 12.20 -35.59
N GLY A 509 -40.47 12.75 -34.42
CA GLY A 509 -40.26 11.98 -33.21
C GLY A 509 -38.93 12.25 -32.52
N ASN A 510 -39.02 12.52 -31.22
CA ASN A 510 -37.87 12.36 -30.34
C ASN A 510 -37.78 10.92 -29.95
N LYS A 511 -36.59 10.55 -29.45
CA LYS A 511 -36.24 9.20 -29.09
C LYS A 511 -35.39 9.23 -27.84
N MET A 512 -35.41 8.13 -27.09
CA MET A 512 -34.37 7.94 -26.11
C MET A 512 -33.60 6.74 -26.55
N PHE A 513 -32.28 6.80 -26.39
CA PHE A 513 -31.44 5.69 -26.75
C PHE A 513 -30.80 5.15 -25.49
N VAL A 514 -30.97 3.85 -25.30
CA VAL A 514 -30.65 3.22 -24.04
C VAL A 514 -29.63 2.10 -24.19
N LYS A 515 -28.75 1.99 -23.21
CA LYS A 515 -27.76 0.91 -23.19
C LYS A 515 -27.53 0.52 -21.75
N GLY A 516 -27.28 -0.74 -21.49
CA GLY A 516 -27.24 -1.20 -20.10
C GLY A 516 -27.01 -2.69 -19.92
N ALA A 517 -26.97 -3.11 -18.68
CA ALA A 517 -26.80 -4.49 -18.39
C ALA A 517 -28.04 -5.15 -18.96
N PRO A 518 -27.86 -6.25 -19.67
CA PRO A 518 -28.94 -6.80 -20.45
C PRO A 518 -30.17 -7.25 -19.69
N GLU A 519 -30.05 -7.69 -18.44
CA GLU A 519 -31.21 -8.32 -17.86
C GLU A 519 -32.24 -7.23 -17.55
N GLY A 520 -31.81 -6.18 -16.85
CA GLY A 520 -32.69 -5.04 -16.58
C GLY A 520 -33.23 -4.37 -17.83
N VAL A 521 -32.40 -4.15 -18.83
CA VAL A 521 -32.89 -3.43 -20.00
C VAL A 521 -33.96 -4.27 -20.69
N ILE A 522 -33.70 -5.56 -20.86
CA ILE A 522 -34.62 -6.43 -21.58
C ILE A 522 -35.93 -6.57 -20.83
N ASP A 523 -35.87 -6.58 -19.51
CA ASP A 523 -37.09 -6.50 -18.75
C ASP A 523 -37.90 -5.25 -19.05
N ARG A 524 -37.28 -4.13 -19.36
CA ARG A 524 -38.03 -2.90 -19.65
C ARG A 524 -38.30 -2.66 -21.13
N CYS A 525 -38.20 -3.73 -21.93
CA CYS A 525 -38.63 -3.71 -23.32
C CYS A 525 -39.97 -4.44 -23.48
N ASN A 526 -40.96 -3.72 -24.00
CA ASN A 526 -42.22 -4.33 -24.45
C ASN A 526 -42.20 -4.67 -25.94
N TYR A 527 -41.25 -4.09 -26.66
CA TYR A 527 -41.07 -4.38 -28.09
C TYR A 527 -39.68 -4.90 -28.47
N VAL A 528 -39.56 -5.27 -29.73
CA VAL A 528 -38.39 -5.93 -30.30
C VAL A 528 -38.32 -5.42 -31.71
N ARG A 529 -37.25 -4.71 -32.06
CA ARG A 529 -37.11 -4.21 -33.42
C ARG A 529 -36.68 -5.34 -34.36
N VAL A 530 -37.32 -5.39 -35.53
CA VAL A 530 -36.95 -6.31 -36.59
C VAL A 530 -36.69 -5.50 -37.83
N GLY A 531 -35.43 -5.19 -38.07
CA GLY A 531 -35.03 -4.26 -39.11
C GLY A 531 -35.54 -2.86 -38.82
N THR A 532 -36.51 -2.45 -39.60
CA THR A 532 -37.14 -1.15 -39.43
C THR A 532 -38.50 -1.31 -38.74
N THR A 533 -38.86 -2.58 -38.52
CA THR A 533 -40.14 -3.03 -37.98
C THR A 533 -40.07 -3.10 -36.46
N ARG A 534 -41.25 -3.16 -35.85
CA ARG A 534 -41.41 -3.37 -34.42
C ARG A 534 -42.51 -4.42 -34.19
N VAL A 535 -42.34 -5.25 -33.15
CA VAL A 535 -43.29 -6.29 -32.80
C VAL A 535 -43.27 -6.46 -31.29
N PRO A 536 -44.32 -7.00 -30.70
CA PRO A 536 -44.34 -7.12 -29.24
C PRO A 536 -43.28 -8.09 -28.74
N MET A 537 -42.62 -7.73 -27.64
CA MET A 537 -41.77 -8.67 -26.93
C MET A 537 -42.59 -9.86 -26.52
N THR A 538 -42.00 -11.05 -26.55
CA THR A 538 -42.69 -12.27 -26.19
C THR A 538 -41.73 -13.20 -25.48
N GLY A 539 -42.27 -14.24 -24.86
CA GLY A 539 -41.47 -15.15 -24.07
C GLY A 539 -40.39 -15.78 -24.92
N PRO A 540 -40.80 -16.48 -25.97
CA PRO A 540 -39.87 -17.14 -26.89
C PRO A 540 -38.71 -16.25 -27.36
N VAL A 541 -39.02 -14.99 -27.69
CA VAL A 541 -37.99 -14.01 -28.07
C VAL A 541 -37.00 -13.66 -26.96
N LYS A 542 -37.53 -13.33 -25.79
CA LYS A 542 -36.73 -13.07 -24.60
C LYS A 542 -35.82 -14.28 -24.31
N GLU A 543 -36.40 -15.48 -24.32
CA GLU A 543 -35.67 -16.72 -24.07
C GLU A 543 -34.54 -16.89 -25.08
N LYS A 544 -34.80 -16.49 -26.33
CA LYS A 544 -33.77 -16.59 -27.37
C LYS A 544 -32.67 -15.60 -27.06
N ILE A 545 -33.07 -14.34 -26.94
CA ILE A 545 -32.12 -13.27 -26.70
C ILE A 545 -31.25 -13.62 -25.52
N LEU A 546 -31.89 -14.00 -24.42
CA LEU A 546 -31.15 -14.25 -23.18
C LEU A 546 -30.18 -15.41 -23.29
N SER A 547 -30.60 -16.48 -23.97
CA SER A 547 -29.77 -17.69 -24.06
C SER A 547 -28.45 -17.44 -24.78
N VAL A 548 -28.48 -16.62 -25.81
CA VAL A 548 -27.25 -16.29 -26.55
C VAL A 548 -26.35 -15.37 -25.73
N ILE A 549 -26.93 -14.62 -24.79
CA ILE A 549 -26.14 -13.86 -23.85
C ILE A 549 -25.45 -14.80 -22.90
N LYS A 550 -26.22 -15.70 -22.28
CA LYS A 550 -25.71 -16.75 -21.39
C LYS A 550 -24.56 -17.48 -22.08
N GLU A 551 -24.79 -17.85 -23.34
CA GLU A 551 -23.77 -18.44 -24.19
C GLU A 551 -22.45 -17.66 -24.17
N TRP A 552 -22.50 -16.43 -24.66
CA TRP A 552 -21.31 -15.58 -24.81
C TRP A 552 -20.66 -15.24 -23.48
N GLY A 553 -21.47 -15.05 -22.46
CA GLY A 553 -20.94 -14.66 -21.17
C GLY A 553 -20.24 -15.83 -20.54
N THR A 554 -20.86 -17.00 -20.63
CA THR A 554 -20.29 -18.21 -20.02
C THR A 554 -19.23 -18.90 -20.87
N GLY A 555 -19.14 -18.56 -22.15
CA GLY A 555 -18.16 -19.19 -23.02
C GLY A 555 -16.70 -18.90 -22.78
N ARG A 556 -15.89 -19.35 -23.72
CA ARG A 556 -14.46 -19.36 -23.55
C ARG A 556 -13.83 -18.01 -23.77
N ASP A 557 -14.56 -17.10 -24.40
CA ASP A 557 -14.18 -15.68 -24.45
C ASP A 557 -14.74 -14.89 -23.27
N THR A 558 -15.72 -15.47 -22.58
CA THR A 558 -16.22 -14.82 -21.39
C THR A 558 -16.65 -13.38 -21.64
N LEU A 559 -17.52 -13.19 -22.61
CA LEU A 559 -17.82 -11.88 -23.09
C LEU A 559 -18.65 -11.09 -22.08
N ARG A 560 -18.31 -9.81 -21.99
CA ARG A 560 -18.98 -8.84 -21.12
C ARG A 560 -20.11 -8.23 -21.93
N CYS A 561 -21.36 -8.43 -21.52
CA CYS A 561 -22.44 -8.04 -22.43
C CYS A 561 -23.22 -6.78 -22.05
N LEU A 562 -23.70 -6.12 -23.11
CA LEU A 562 -24.49 -4.95 -22.97
C LEU A 562 -25.65 -5.04 -23.95
N ALA A 563 -26.87 -4.75 -23.49
CA ALA A 563 -28.06 -4.69 -24.36
C ALA A 563 -28.30 -3.27 -24.77
N LEU A 564 -28.90 -3.09 -25.94
CA LEU A 564 -29.12 -1.77 -26.51
C LEU A 564 -30.53 -1.71 -26.99
N ALA A 565 -31.19 -0.57 -26.74
CA ALA A 565 -32.61 -0.43 -26.98
C ALA A 565 -32.96 1.04 -27.15
N THR A 566 -34.09 1.28 -27.81
CA THR A 566 -34.57 2.62 -28.06
C THR A 566 -35.92 2.67 -27.46
N ARG A 567 -36.24 3.82 -26.90
CA ARG A 567 -37.61 4.13 -26.53
C ARG A 567 -38.21 5.01 -27.60
N ASP A 568 -39.08 4.40 -28.39
CA ASP A 568 -39.61 5.01 -29.62
C ASP A 568 -40.44 6.26 -29.42
N THR A 569 -41.27 6.23 -28.37
CA THR A 569 -42.12 7.35 -27.99
C THR A 569 -41.74 7.74 -26.57
N PRO A 570 -40.82 8.67 -26.42
CA PRO A 570 -40.46 9.12 -25.09
C PRO A 570 -41.55 10.00 -24.52
N PRO A 571 -41.53 10.18 -23.20
CA PRO A 571 -42.26 11.27 -22.57
C PRO A 571 -41.94 12.62 -23.18
N LYS A 572 -42.81 13.60 -22.95
CA LYS A 572 -42.48 14.97 -23.28
C LYS A 572 -41.52 15.42 -22.19
N ARG A 573 -40.52 16.23 -22.57
CA ARG A 573 -39.46 16.66 -21.64
C ARG A 573 -40.05 17.33 -20.41
N GLU A 574 -41.17 18.02 -20.60
CA GLU A 574 -41.89 18.69 -19.55
C GLU A 574 -42.41 17.73 -18.47
N GLU A 575 -42.82 16.52 -18.87
CA GLU A 575 -43.24 15.48 -17.90
C GLU A 575 -42.03 14.81 -17.20
N MET A 576 -40.83 15.07 -17.71
CA MET A 576 -39.60 14.49 -17.15
C MET A 576 -38.92 15.39 -16.14
N VAL A 577 -38.73 14.86 -14.93
CA VAL A 577 -38.04 15.57 -13.88
C VAL A 577 -36.64 14.96 -13.67
N LEU A 578 -35.64 15.76 -14.04
CA LEU A 578 -34.22 15.38 -14.03
C LEU A 578 -33.55 15.44 -12.66
N ASP A 579 -34.17 16.14 -11.73
CA ASP A 579 -33.58 16.43 -10.41
C ASP A 579 -33.38 15.14 -9.63
N ASP A 580 -34.26 14.18 -9.87
CA ASP A 580 -34.29 12.98 -9.07
C ASP A 580 -33.84 11.76 -9.88
N SER A 581 -32.60 11.37 -9.63
CA SER A 581 -31.98 10.24 -10.31
C SER A 581 -32.77 8.94 -10.19
N SER A 582 -33.72 8.85 -9.25
CA SER A 582 -34.44 7.60 -9.08
C SER A 582 -35.65 7.48 -10.02
N ARG A 583 -36.00 8.53 -10.75
CA ARG A 583 -37.04 8.37 -11.77
C ARG A 583 -36.48 7.96 -13.11
N PHE A 584 -35.17 7.94 -13.24
CA PHE A 584 -34.56 7.66 -14.53
C PHE A 584 -35.02 6.31 -15.05
N MET A 585 -35.12 5.30 -14.21
CA MET A 585 -35.56 4.01 -14.67
C MET A 585 -36.94 4.03 -15.30
N GLU A 586 -37.93 4.71 -14.70
CA GLU A 586 -39.26 4.70 -15.30
C GLU A 586 -39.21 5.39 -16.66
N TYR A 587 -38.42 6.46 -16.73
CA TYR A 587 -38.21 7.13 -18.01
C TYR A 587 -37.70 6.13 -19.04
N GLU A 588 -36.93 5.16 -18.59
CA GLU A 588 -36.39 4.12 -19.47
C GLU A 588 -37.27 2.88 -19.50
N THR A 589 -38.49 3.04 -19.99
CA THR A 589 -39.41 1.93 -20.02
C THR A 589 -40.19 2.05 -21.29
N ASP A 590 -40.93 0.99 -21.56
CA ASP A 590 -41.62 0.82 -22.83
C ASP A 590 -40.62 0.89 -23.97
N LEU A 591 -39.53 0.14 -23.76
CA LEU A 591 -38.44 0.14 -24.71
C LEU A 591 -38.62 -0.81 -25.87
N THR A 592 -37.94 -0.51 -26.97
CA THR A 592 -37.76 -1.45 -28.05
C THR A 592 -36.33 -1.96 -28.01
N PHE A 593 -36.22 -3.28 -27.99
CA PHE A 593 -34.93 -3.96 -27.98
C PHE A 593 -34.38 -3.86 -29.37
N VAL A 594 -33.13 -3.44 -29.48
CA VAL A 594 -32.43 -3.41 -30.74
C VAL A 594 -31.44 -4.56 -30.84
N GLY A 595 -30.54 -4.71 -29.86
CA GLY A 595 -29.50 -5.70 -29.94
C GLY A 595 -28.52 -5.85 -28.79
N VAL A 596 -27.48 -6.64 -28.99
CA VAL A 596 -26.55 -6.93 -27.91
C VAL A 596 -25.15 -6.85 -28.45
N VAL A 597 -24.23 -6.34 -27.65
CA VAL A 597 -22.80 -6.41 -27.92
C VAL A 597 -22.11 -7.21 -26.85
N GLY A 598 -21.16 -8.04 -27.29
CA GLY A 598 -20.32 -8.82 -26.39
C GLY A 598 -18.86 -8.41 -26.48
N MET A 599 -18.25 -8.17 -25.31
CA MET A 599 -16.96 -7.54 -25.22
C MET A 599 -15.92 -8.46 -24.69
N LEU A 600 -14.75 -8.35 -25.29
CA LEU A 600 -13.61 -9.12 -24.86
C LEU A 600 -12.90 -8.23 -23.88
N ASP A 601 -12.51 -8.82 -22.76
CA ASP A 601 -11.81 -8.11 -21.70
C ASP A 601 -11.00 -9.14 -20.94
N PRO A 602 -9.78 -9.35 -21.39
CA PRO A 602 -8.91 -10.40 -20.90
C PRO A 602 -8.44 -10.30 -19.45
N PRO A 603 -8.40 -11.40 -18.70
CA PRO A 603 -7.76 -11.37 -17.39
C PRO A 603 -6.29 -11.09 -17.55
N ARG A 604 -5.75 -10.32 -16.60
CA ARG A 604 -4.34 -10.02 -16.54
C ARG A 604 -3.52 -11.33 -16.37
N LYS A 605 -2.33 -11.38 -16.96
CA LYS A 605 -1.45 -12.56 -16.94
C LYS A 605 -1.17 -13.04 -15.54
N GLU A 606 -0.87 -12.10 -14.66
CA GLU A 606 -0.24 -12.39 -13.38
C GLU A 606 -1.24 -12.94 -12.38
N VAL A 607 -2.52 -12.80 -12.69
CA VAL A 607 -3.54 -12.95 -11.68
C VAL A 607 -3.63 -14.36 -11.16
N MET A 608 -3.90 -15.31 -12.04
CA MET A 608 -4.06 -16.70 -11.61
C MET A 608 -2.94 -17.13 -10.66
N GLY A 609 -1.72 -16.78 -11.02
CA GLY A 609 -0.55 -17.06 -10.20
C GLY A 609 -0.73 -16.55 -8.79
N SER A 610 -1.00 -15.25 -8.67
CA SER A 610 -1.09 -14.57 -7.37
C SER A 610 -2.11 -15.24 -6.46
N ILE A 611 -3.22 -15.61 -7.07
CA ILE A 611 -4.29 -16.30 -6.36
C ILE A 611 -3.79 -17.62 -5.77
N GLN A 612 -3.10 -18.42 -6.57
CA GLN A 612 -2.47 -19.65 -6.06
C GLN A 612 -1.62 -19.39 -4.82
N LEU A 613 -0.76 -18.38 -4.92
CA LEU A 613 0.08 -17.94 -3.80
C LEU A 613 -0.73 -17.54 -2.58
N CYS A 614 -1.84 -16.83 -2.78
CA CYS A 614 -2.73 -16.55 -1.67
C CYS A 614 -3.28 -17.81 -1.03
N ARG A 615 -3.67 -18.80 -1.83
CA ARG A 615 -4.13 -20.08 -1.29
C ARG A 615 -3.09 -20.65 -0.36
N ASP A 616 -1.86 -20.71 -0.84
CA ASP A 616 -0.77 -21.28 -0.08
C ASP A 616 -0.49 -20.47 1.18
N ALA A 617 -0.58 -19.15 1.04
CA ALA A 617 -0.38 -18.25 2.17
C ALA A 617 -1.60 -18.18 3.10
N GLY A 618 -2.58 -19.05 2.85
CA GLY A 618 -3.76 -19.14 3.67
C GLY A 618 -4.68 -17.96 3.49
N ILE A 619 -4.66 -17.36 2.30
CA ILE A 619 -5.41 -16.15 2.04
C ILE A 619 -6.54 -16.35 1.03
N ARG A 620 -7.70 -15.80 1.37
CA ARG A 620 -8.88 -15.93 0.51
C ARG A 620 -8.98 -14.74 -0.44
N VAL A 621 -9.52 -15.05 -1.62
CA VAL A 621 -9.75 -14.05 -2.65
C VAL A 621 -11.18 -14.08 -3.15
N ILE A 622 -11.87 -12.97 -2.99
CA ILE A 622 -13.25 -12.88 -3.41
C ILE A 622 -13.36 -11.87 -4.53
N MET A 623 -14.08 -12.27 -5.58
CA MET A 623 -14.42 -11.38 -6.67
C MET A 623 -15.70 -10.66 -6.29
N ILE A 624 -15.70 -9.34 -6.49
CA ILE A 624 -16.92 -8.57 -6.24
C ILE A 624 -17.13 -7.62 -7.39
N THR A 625 -18.15 -7.86 -8.19
CA THR A 625 -18.31 -7.08 -9.41
C THR A 625 -19.75 -6.74 -9.74
N GLY A 626 -19.97 -5.60 -10.36
CA GLY A 626 -21.30 -5.27 -10.90
C GLY A 626 -21.74 -6.09 -12.11
N ASP A 627 -20.78 -6.75 -12.78
CA ASP A 627 -21.10 -7.53 -13.95
C ASP A 627 -21.95 -8.75 -13.62
N ASN A 628 -22.47 -9.31 -14.69
CA ASN A 628 -23.32 -10.47 -14.71
C ASN A 628 -22.76 -11.64 -13.95
N LYS A 629 -23.62 -12.42 -13.31
CA LYS A 629 -23.16 -13.61 -12.55
C LYS A 629 -22.59 -14.70 -13.44
N GLY A 630 -23.21 -14.89 -14.61
CA GLY A 630 -22.69 -15.79 -15.62
C GLY A 630 -21.22 -15.53 -15.89
N THR A 631 -20.88 -14.33 -16.34
CA THR A 631 -19.55 -14.08 -16.83
C THR A 631 -18.57 -14.00 -15.66
N ALA A 632 -19.06 -13.55 -14.51
CA ALA A 632 -18.20 -13.40 -13.36
C ALA A 632 -17.69 -14.75 -12.88
N ILE A 633 -18.60 -15.73 -12.83
CA ILE A 633 -18.23 -17.10 -12.48
C ILE A 633 -17.30 -17.69 -13.54
N ALA A 634 -17.69 -17.56 -14.79
CA ALA A 634 -16.84 -18.04 -15.86
C ALA A 634 -15.43 -17.54 -15.65
N ILE A 635 -15.26 -16.25 -15.33
CA ILE A 635 -13.93 -15.67 -15.19
C ILE A 635 -13.20 -16.19 -13.95
N CYS A 636 -13.88 -16.25 -12.81
CA CYS A 636 -13.31 -16.92 -11.63
C CYS A 636 -12.71 -18.24 -12.02
N ARG A 637 -13.41 -19.07 -12.78
CA ARG A 637 -12.82 -20.31 -13.24
C ARG A 637 -11.53 -20.01 -14.01
N ARG A 638 -11.61 -19.14 -15.02
CA ARG A 638 -10.43 -18.83 -15.80
C ARG A 638 -9.27 -18.29 -14.98
N ILE A 639 -9.56 -17.75 -13.80
CA ILE A 639 -8.55 -17.18 -12.93
C ILE A 639 -8.08 -18.18 -11.89
N GLY A 640 -8.87 -19.20 -11.62
CA GLY A 640 -8.52 -20.19 -10.60
C GLY A 640 -9.11 -19.95 -9.23
N ILE A 641 -10.05 -19.03 -9.13
CA ILE A 641 -10.86 -18.89 -7.92
C ILE A 641 -11.74 -20.13 -7.78
N PHE A 642 -12.35 -20.54 -8.88
CA PHE A 642 -13.12 -21.75 -8.87
C PHE A 642 -12.40 -22.67 -9.84
N GLY A 643 -12.40 -23.96 -9.53
CA GLY A 643 -11.90 -24.94 -10.48
C GLY A 643 -12.89 -25.06 -11.62
N GLU A 644 -12.43 -25.46 -12.80
CA GLU A 644 -13.25 -25.50 -14.01
C GLU A 644 -14.58 -26.25 -13.94
N ASN A 645 -14.73 -27.11 -12.93
CA ASN A 645 -16.01 -27.77 -12.61
C ASN A 645 -16.15 -27.85 -11.09
N GLU A 646 -17.10 -27.10 -10.54
CA GLU A 646 -17.44 -27.15 -9.12
C GLU A 646 -18.84 -26.58 -9.00
N GLU A 647 -19.75 -27.32 -8.38
CA GLU A 647 -21.00 -26.71 -7.98
C GLU A 647 -20.58 -25.50 -7.17
N VAL A 648 -21.05 -24.36 -7.64
CA VAL A 648 -20.75 -23.08 -7.05
C VAL A 648 -22.02 -22.56 -6.38
N ALA A 649 -23.12 -23.32 -6.47
CA ALA A 649 -24.46 -22.82 -6.15
C ALA A 649 -24.50 -22.14 -4.77
N ASP A 650 -23.65 -22.61 -3.90
CA ASP A 650 -23.66 -22.20 -2.51
C ASP A 650 -22.66 -21.04 -2.24
N ARG A 651 -21.92 -20.63 -3.27
CA ARG A 651 -20.81 -19.70 -3.06
C ARG A 651 -20.48 -18.76 -4.23
N ALA A 652 -21.49 -18.47 -5.01
CA ALA A 652 -21.51 -17.32 -5.88
C ALA A 652 -22.89 -16.75 -5.68
N TYR A 653 -23.02 -15.44 -5.62
CA TYR A 653 -24.31 -14.82 -5.40
C TYR A 653 -24.43 -13.51 -6.17
N THR A 654 -25.64 -13.21 -6.63
CA THR A 654 -25.94 -11.86 -7.12
C THR A 654 -26.20 -10.97 -5.94
N GLY A 655 -26.37 -9.68 -6.23
CA GLY A 655 -26.87 -8.76 -5.22
C GLY A 655 -28.25 -9.17 -4.71
N ARG A 656 -29.14 -9.54 -5.63
CA ARG A 656 -30.52 -9.85 -5.28
C ARG A 656 -30.53 -11.09 -4.39
N GLU A 657 -29.90 -12.15 -4.86
CA GLU A 657 -29.77 -13.38 -4.09
C GLU A 657 -29.20 -13.10 -2.69
N PHE A 658 -28.15 -12.29 -2.63
CA PHE A 658 -27.57 -11.90 -1.35
C PHE A 658 -28.55 -11.13 -0.46
N ASP A 659 -29.24 -10.13 -1.01
CA ASP A 659 -30.18 -9.36 -0.20
C ASP A 659 -31.37 -10.19 0.22
N ASP A 660 -31.75 -11.18 -0.60
CA ASP A 660 -32.86 -12.09 -0.30
C ASP A 660 -32.62 -12.80 1.02
N LEU A 661 -31.35 -13.08 1.31
CA LEU A 661 -30.95 -13.75 2.55
C LEU A 661 -31.06 -12.90 3.81
N PRO A 662 -31.33 -13.57 4.93
CA PRO A 662 -31.31 -12.91 6.21
C PRO A 662 -29.89 -12.51 6.59
N LEU A 663 -29.76 -11.39 7.30
CA LEU A 663 -28.47 -10.87 7.74
C LEU A 663 -27.51 -11.93 8.26
N ALA A 664 -28.00 -12.77 9.17
CA ALA A 664 -27.22 -13.86 9.72
C ALA A 664 -26.57 -14.68 8.62
N GLU A 665 -27.39 -15.07 7.66
CA GLU A 665 -26.96 -15.87 6.52
C GLU A 665 -26.11 -15.07 5.52
N GLN A 666 -26.27 -13.75 5.49
CA GLN A 666 -25.44 -12.90 4.62
C GLN A 666 -24.00 -12.89 5.10
N ARG A 667 -23.86 -12.73 6.41
CA ARG A 667 -22.58 -12.77 7.04
C ARG A 667 -21.91 -14.10 6.73
N GLU A 668 -22.66 -15.18 6.88
CA GLU A 668 -22.13 -16.53 6.68
C GLU A 668 -21.83 -16.74 5.19
N ALA A 669 -22.65 -16.19 4.30
CA ALA A 669 -22.36 -16.33 2.87
C ALA A 669 -20.98 -15.77 2.57
N CYS A 670 -20.67 -14.63 3.19
CA CYS A 670 -19.38 -14.01 2.98
C CYS A 670 -18.22 -14.94 3.36
N ARG A 671 -18.43 -15.85 4.30
CA ARG A 671 -17.36 -16.76 4.71
C ARG A 671 -17.06 -17.90 3.76
N ARG A 672 -18.03 -18.33 2.98
CA ARG A 672 -17.81 -19.40 1.99
C ARG A 672 -17.76 -18.92 0.55
N ALA A 673 -18.49 -17.86 0.21
CA ALA A 673 -18.58 -17.36 -1.18
C ALA A 673 -17.35 -16.58 -1.62
N CYS A 674 -17.05 -16.72 -2.90
CA CYS A 674 -15.88 -16.10 -3.51
C CYS A 674 -16.22 -15.26 -4.71
N CYS A 675 -17.52 -15.13 -4.97
CA CYS A 675 -17.95 -14.48 -6.17
C CYS A 675 -19.31 -13.89 -5.93
N PHE A 676 -19.32 -12.55 -5.99
CA PHE A 676 -20.50 -11.72 -5.82
C PHE A 676 -20.61 -10.87 -7.05
N ALA A 677 -21.82 -10.85 -7.60
CA ALA A 677 -22.05 -10.34 -8.92
C ALA A 677 -23.28 -9.44 -8.91
N ARG A 678 -23.40 -8.66 -9.98
CA ARG A 678 -24.52 -7.75 -10.09
C ARG A 678 -24.83 -7.02 -8.78
N VAL A 679 -23.79 -6.43 -8.22
CA VAL A 679 -23.83 -5.94 -6.87
C VAL A 679 -23.51 -4.43 -6.82
N GLU A 680 -24.24 -3.61 -6.06
CA GLU A 680 -23.98 -2.15 -5.97
C GLU A 680 -22.78 -1.79 -5.08
N PRO A 681 -22.27 -0.56 -5.14
CA PRO A 681 -21.14 -0.13 -4.27
C PRO A 681 -21.34 -0.33 -2.76
N SER A 682 -22.61 -0.27 -2.31
CA SER A 682 -22.92 -0.47 -0.89
C SER A 682 -22.68 -1.92 -0.52
N HIS A 683 -23.00 -2.80 -1.45
CA HIS A 683 -22.75 -4.21 -1.22
C HIS A 683 -21.26 -4.49 -1.08
N LYS A 684 -20.42 -3.85 -1.88
CA LYS A 684 -19.00 -4.19 -1.83
C LYS A 684 -18.54 -3.91 -0.40
N SER A 685 -18.98 -2.76 0.11
CA SER A 685 -18.64 -2.29 1.44
C SER A 685 -19.14 -3.25 2.48
N LYS A 686 -20.38 -3.66 2.35
CA LYS A 686 -21.05 -4.56 3.31
C LYS A 686 -20.31 -5.90 3.41
N ILE A 687 -19.91 -6.44 2.27
CA ILE A 687 -19.20 -7.70 2.21
C ILE A 687 -17.88 -7.60 2.97
N VAL A 688 -17.22 -6.47 2.84
CA VAL A 688 -15.95 -6.26 3.53
C VAL A 688 -16.15 -6.13 5.03
N GLU A 689 -17.25 -5.50 5.40
CA GLU A 689 -17.62 -5.29 6.78
C GLU A 689 -17.89 -6.64 7.40
N TYR A 690 -18.63 -7.46 6.67
CA TYR A 690 -18.93 -8.81 7.13
C TYR A 690 -17.66 -9.54 7.45
N LEU A 691 -16.71 -9.54 6.53
CA LEU A 691 -15.44 -10.24 6.77
C LEU A 691 -14.75 -9.72 8.02
N GLN A 692 -14.72 -8.40 8.13
CA GLN A 692 -14.21 -7.73 9.32
C GLN A 692 -14.93 -8.13 10.61
N SER A 693 -16.17 -8.58 10.53
CA SER A 693 -16.90 -9.08 11.71
C SER A 693 -16.42 -10.45 12.18
N TYR A 694 -15.56 -11.11 11.42
CA TYR A 694 -14.88 -12.33 11.89
C TYR A 694 -13.52 -11.95 12.45
N ASP A 695 -13.40 -10.70 12.87
CA ASP A 695 -12.13 -10.10 13.27
C ASP A 695 -10.99 -10.56 12.37
N GLU A 696 -11.21 -10.40 11.07
CA GLU A 696 -10.18 -10.62 10.09
C GLU A 696 -9.79 -9.32 9.37
N ILE A 697 -8.59 -9.40 8.80
CA ILE A 697 -7.98 -8.29 8.11
C ILE A 697 -8.29 -8.51 6.64
N THR A 698 -8.96 -7.50 6.09
CA THR A 698 -9.55 -7.52 4.76
C THR A 698 -8.87 -6.45 3.92
N ALA A 699 -8.62 -6.78 2.66
CA ALA A 699 -8.08 -5.86 1.70
C ALA A 699 -9.07 -5.77 0.56
N MET A 700 -9.19 -4.58 -0.01
CA MET A 700 -10.04 -4.36 -1.15
C MET A 700 -9.16 -3.91 -2.29
N THR A 701 -9.40 -4.46 -3.48
CA THR A 701 -8.67 -4.07 -4.69
C THR A 701 -9.68 -3.55 -5.71
N GLY A 702 -9.36 -2.43 -6.38
CA GLY A 702 -10.26 -1.78 -7.31
C GLY A 702 -9.76 -0.59 -8.13
N ASP A 703 -10.58 -0.16 -9.08
CA ASP A 703 -10.20 0.86 -10.06
C ASP A 703 -11.23 1.97 -10.15
N GLY A 704 -12.45 1.72 -9.68
CA GLY A 704 -13.60 2.53 -10.03
C GLY A 704 -14.20 3.21 -8.83
N VAL A 705 -15.07 4.17 -9.09
CA VAL A 705 -15.64 4.96 -8.01
C VAL A 705 -16.59 4.09 -7.21
N ASN A 706 -17.05 2.99 -7.81
CA ASN A 706 -17.94 2.06 -7.11
C ASN A 706 -17.15 1.19 -6.13
N ASP A 707 -15.84 1.35 -6.12
CA ASP A 707 -15.00 0.62 -5.18
C ASP A 707 -14.60 1.44 -3.98
N ALA A 708 -14.74 2.76 -4.07
CA ALA A 708 -14.20 3.60 -3.01
C ALA A 708 -14.76 3.18 -1.63
N PRO A 709 -16.08 3.22 -1.42
CA PRO A 709 -16.59 2.77 -0.13
C PRO A 709 -15.87 1.54 0.42
N ALA A 710 -15.79 0.45 -0.35
CA ALA A 710 -15.13 -0.76 0.12
C ALA A 710 -13.64 -0.56 0.31
N LEU A 711 -13.04 0.24 -0.57
CA LEU A 711 -11.63 0.55 -0.48
C LEU A 711 -11.31 1.26 0.81
N LYS A 712 -12.18 2.20 1.20
CA LYS A 712 -12.12 2.92 2.49
C LYS A 712 -12.36 2.03 3.68
N LYS A 713 -13.35 1.16 3.58
CA LYS A 713 -13.77 0.32 4.70
C LYS A 713 -12.72 -0.71 5.05
N ALA A 714 -12.05 -1.23 4.03
CA ALA A 714 -11.12 -2.33 4.22
C ALA A 714 -9.95 -1.85 5.07
N GLU A 715 -9.13 -2.79 5.52
CA GLU A 715 -7.94 -2.43 6.29
C GLU A 715 -6.92 -1.79 5.35
N ILE A 716 -6.76 -2.39 4.17
CA ILE A 716 -5.88 -1.89 3.12
C ILE A 716 -6.72 -1.76 1.88
N GLY A 717 -6.62 -0.58 1.27
CA GLY A 717 -7.27 -0.25 0.02
C GLY A 717 -6.18 -0.14 -1.03
N ILE A 718 -6.28 -0.95 -2.07
CA ILE A 718 -5.34 -0.95 -3.16
C ILE A 718 -6.03 -0.59 -4.47
N ALA A 719 -5.58 0.51 -5.05
CA ALA A 719 -6.16 1.10 -6.26
C ALA A 719 -5.27 0.82 -7.45
N MET A 720 -5.87 0.64 -8.62
CA MET A 720 -5.11 0.49 -9.86
C MET A 720 -4.57 1.81 -10.36
N GLY A 721 -3.39 1.72 -10.95
CA GLY A 721 -2.72 2.86 -11.57
C GLY A 721 -3.62 3.34 -12.66
N SER A 722 -4.05 2.41 -13.50
CA SER A 722 -4.98 2.66 -14.61
C SER A 722 -6.34 3.19 -14.21
N GLY A 723 -6.72 3.04 -12.95
CA GLY A 723 -8.09 3.32 -12.55
C GLY A 723 -8.31 4.77 -12.22
N THR A 724 -9.43 5.04 -11.53
CA THR A 724 -9.83 6.39 -11.19
C THR A 724 -8.97 7.01 -10.08
N ALA A 725 -8.88 8.34 -10.13
CA ALA A 725 -8.31 9.15 -9.07
C ALA A 725 -9.10 8.96 -7.80
N VAL A 726 -10.43 8.80 -7.88
CA VAL A 726 -11.16 8.65 -6.65
C VAL A 726 -10.81 7.31 -6.02
N ALA A 727 -10.68 6.27 -6.82
CA ALA A 727 -10.33 4.98 -6.23
C ALA A 727 -8.97 5.11 -5.57
N LYS A 728 -8.05 5.75 -6.27
CA LYS A 728 -6.71 5.99 -5.75
C LYS A 728 -6.76 6.79 -4.45
N THR A 729 -7.59 7.83 -4.39
CA THR A 729 -7.71 8.63 -3.18
C THR A 729 -8.16 7.82 -1.97
N ALA A 730 -8.96 6.77 -2.18
CA ALA A 730 -9.52 6.01 -1.09
C ALA A 730 -8.58 4.91 -0.67
N SER A 731 -7.38 4.92 -1.20
CA SER A 731 -6.50 3.79 -1.05
C SER A 731 -5.24 4.06 -0.24
N GLU A 732 -4.67 2.99 0.28
CA GLU A 732 -3.45 3.06 1.07
C GLU A 732 -2.28 2.74 0.16
N MET A 733 -2.55 1.95 -0.87
CA MET A 733 -1.55 1.53 -1.84
C MET A 733 -2.08 1.73 -3.27
N VAL A 734 -1.19 2.00 -4.21
CA VAL A 734 -1.56 2.09 -5.63
C VAL A 734 -0.60 1.33 -6.51
N LEU A 735 -1.06 0.33 -7.23
CA LEU A 735 -0.21 -0.35 -8.22
C LEU A 735 -0.12 0.48 -9.51
N ALA A 736 0.98 1.19 -9.72
CA ALA A 736 1.11 2.03 -10.92
C ALA A 736 1.32 1.15 -12.13
N ASP A 737 2.07 0.10 -11.91
CA ASP A 737 2.15 -1.12 -12.73
C ASP A 737 0.82 -1.69 -13.25
N ASP A 738 -0.28 -1.50 -12.52
CA ASP A 738 -1.43 -2.40 -12.57
C ASP A 738 -1.06 -3.88 -12.44
N ASN A 739 -0.04 -4.18 -11.65
CA ASN A 739 0.48 -5.54 -11.59
C ASN A 739 0.06 -6.20 -10.29
N PHE A 740 -0.89 -7.12 -10.41
CA PHE A 740 -1.52 -7.74 -9.26
C PHE A 740 -0.50 -8.48 -8.38
N SER A 741 0.53 -9.05 -9.00
CA SER A 741 1.55 -9.77 -8.25
C SER A 741 2.11 -9.01 -7.06
N THR A 742 2.24 -7.70 -7.20
CA THR A 742 2.83 -6.86 -6.16
C THR A 742 2.08 -6.98 -4.84
N ILE A 743 0.75 -7.15 -4.94
CA ILE A 743 -0.08 -7.38 -3.76
C ILE A 743 0.48 -8.53 -2.93
N VAL A 744 0.75 -9.66 -3.58
CA VAL A 744 1.36 -10.81 -2.92
C VAL A 744 2.72 -10.43 -2.35
N ALA A 745 3.57 -9.86 -3.18
CA ALA A 745 4.87 -9.41 -2.73
C ALA A 745 4.74 -8.59 -1.45
N ALA A 746 3.78 -7.68 -1.45
CA ALA A 746 3.53 -6.77 -0.34
C ALA A 746 3.12 -7.55 0.91
N VAL A 747 2.25 -8.55 0.72
CA VAL A 747 1.97 -9.48 1.79
C VAL A 747 3.27 -10.06 2.30
N GLU A 748 4.01 -10.77 1.45
CA GLU A 748 5.31 -11.32 1.88
C GLU A 748 6.19 -10.33 2.65
N GLU A 749 6.19 -9.06 2.24
CA GLU A 749 7.08 -8.07 2.85
C GLU A 749 6.66 -7.72 4.28
N GLY A 750 5.37 -7.39 4.44
CA GLY A 750 4.80 -7.20 5.77
C GLY A 750 5.02 -8.37 6.73
N ARG A 751 5.04 -9.57 6.17
CA ARG A 751 5.24 -10.79 6.94
C ARG A 751 6.68 -10.78 7.45
N ALA A 752 7.58 -10.40 6.54
CA ALA A 752 9.01 -10.40 6.79
C ALA A 752 9.43 -9.33 7.78
N ILE A 753 8.86 -8.13 7.66
CA ILE A 753 9.11 -7.06 8.62
C ILE A 753 8.74 -7.52 10.02
N TYR A 754 7.60 -8.18 10.13
CA TYR A 754 7.21 -8.74 11.43
C TYR A 754 8.29 -9.69 11.93
N ASN A 755 8.66 -10.67 11.10
CA ASN A 755 9.64 -11.67 11.49
C ASN A 755 11.00 -11.07 11.78
N ASN A 756 11.39 -10.04 11.01
CA ASN A 756 12.64 -9.36 11.29
C ASN A 756 12.55 -8.69 12.67
N MET A 757 11.44 -8.00 12.97
CA MET A 757 11.26 -7.41 14.28
C MET A 757 11.42 -8.43 15.41
N LYS A 758 10.73 -9.56 15.24
CA LYS A 758 10.85 -10.70 16.15
C LYS A 758 12.29 -11.11 16.42
N GLN A 759 13.04 -11.41 15.36
CA GLN A 759 14.42 -11.89 15.53
C GLN A 759 15.32 -10.89 16.26
N PHE A 760 15.15 -9.61 15.95
CA PHE A 760 15.83 -8.51 16.64
C PHE A 760 15.55 -8.62 18.12
N ILE A 761 14.29 -8.64 18.50
CA ILE A 761 13.90 -8.78 19.89
C ILE A 761 14.49 -10.02 20.53
N ARG A 762 14.39 -11.17 19.88
CA ARG A 762 14.95 -12.38 20.45
C ARG A 762 16.43 -12.18 20.75
N TYR A 763 17.14 -11.66 19.75
CA TYR A 763 18.58 -11.46 19.84
C TYR A 763 18.93 -10.58 21.01
N LEU A 764 18.29 -9.42 21.11
CA LEU A 764 18.63 -8.52 22.20
C LEU A 764 18.28 -9.07 23.58
N ILE A 765 17.05 -9.53 23.77
CA ILE A 765 16.59 -9.96 25.08
C ILE A 765 17.50 -11.06 25.63
N SER A 766 17.47 -12.21 24.96
CA SER A 766 18.27 -13.38 25.36
C SER A 766 19.71 -13.02 25.69
N SER A 767 20.33 -12.19 24.85
CA SER A 767 21.69 -11.76 25.07
C SER A 767 21.79 -10.84 26.28
N ASN A 768 20.96 -9.79 26.32
CA ASN A 768 21.02 -8.84 27.41
C ASN A 768 20.51 -9.38 28.76
N VAL A 769 19.66 -10.40 28.69
CA VAL A 769 19.31 -11.17 29.88
C VAL A 769 20.57 -11.83 30.45
N GLY A 770 21.37 -12.44 29.59
CA GLY A 770 22.63 -13.06 30.01
C GLY A 770 23.58 -12.07 30.67
N GLU A 771 23.71 -10.89 30.08
CA GLU A 771 24.49 -9.78 30.64
C GLU A 771 24.06 -9.45 32.07
N VAL A 772 22.76 -9.56 32.33
CA VAL A 772 22.22 -9.32 33.66
C VAL A 772 22.33 -10.57 34.56
N VAL A 773 21.94 -11.73 34.03
CA VAL A 773 22.13 -13.02 34.71
C VAL A 773 23.55 -13.08 35.25
N CYS A 774 24.49 -12.59 34.45
CA CYS A 774 25.88 -12.63 34.79
C CYS A 774 26.22 -11.89 36.08
N ILE A 775 25.78 -10.64 36.19
CA ILE A 775 26.14 -9.81 37.33
C ILE A 775 25.50 -10.33 38.61
N PHE A 776 24.27 -10.80 38.51
CA PHE A 776 23.57 -11.36 39.67
C PHE A 776 24.10 -12.75 40.05
N LEU A 777 24.58 -13.51 39.07
CA LEU A 777 25.17 -14.82 39.38
C LEU A 777 26.52 -14.70 40.11
N THR A 778 27.27 -13.63 39.87
CA THR A 778 28.49 -13.38 40.65
C THR A 778 28.12 -12.93 42.05
N ALA A 779 27.39 -11.81 42.13
CA ALA A 779 27.02 -11.18 43.41
C ALA A 779 26.35 -12.14 44.40
N ALA A 780 25.58 -13.09 43.90
CA ALA A 780 24.91 -14.08 44.73
C ALA A 780 25.85 -15.23 45.08
N LEU A 781 26.41 -15.86 44.05
CA LEU A 781 27.33 -16.99 44.25
C LEU A 781 28.56 -16.51 45.02
N GLY A 782 28.73 -15.19 45.08
CA GLY A 782 29.67 -14.55 46.00
C GLY A 782 31.07 -14.51 45.44
N LEU A 783 31.19 -14.08 44.18
CA LEU A 783 32.48 -14.01 43.49
C LEU A 783 32.99 -12.58 43.39
N PRO A 784 34.24 -12.39 43.00
CA PRO A 784 34.69 -11.09 42.51
C PRO A 784 33.89 -10.60 41.29
N GLU A 785 33.70 -9.29 41.22
CA GLU A 785 33.03 -8.68 40.08
C GLU A 785 33.63 -9.18 38.77
N ALA A 786 32.80 -9.29 37.74
CA ALA A 786 33.24 -9.75 36.43
C ALA A 786 33.40 -8.62 35.43
N LEU A 787 32.76 -7.47 35.68
CA LEU A 787 32.82 -6.31 34.77
C LEU A 787 32.75 -4.99 35.52
N ILE A 788 33.05 -3.92 34.82
CA ILE A 788 33.10 -2.59 35.39
C ILE A 788 32.22 -1.70 34.52
N PRO A 789 31.86 -0.51 34.99
CA PRO A 789 30.94 0.36 34.27
C PRO A 789 31.27 0.57 32.78
N VAL A 790 32.55 0.74 32.45
CA VAL A 790 32.91 0.98 31.05
C VAL A 790 32.93 -0.33 30.29
N GLN A 791 33.35 -1.40 30.96
CA GLN A 791 33.28 -2.73 30.38
C GLN A 791 31.83 -3.11 30.04
N LEU A 792 30.87 -2.67 30.84
CA LEU A 792 29.47 -2.87 30.50
C LEU A 792 29.08 -2.04 29.27
N LEU A 793 29.47 -0.78 29.27
CA LEU A 793 29.22 0.09 28.12
C LEU A 793 29.85 -0.45 26.83
N TRP A 794 30.99 -1.15 26.96
CA TRP A 794 31.65 -1.75 25.81
C TRP A 794 30.85 -2.89 25.21
N VAL A 795 30.52 -3.94 25.98
CA VAL A 795 29.65 -4.97 25.40
C VAL A 795 28.42 -4.36 24.74
N ASN A 796 27.91 -3.28 25.33
CA ASN A 796 26.74 -2.62 24.78
C ASN A 796 27.00 -2.01 23.43
N LEU A 797 28.03 -1.17 23.37
CA LEU A 797 28.42 -0.58 22.10
C LEU A 797 28.53 -1.62 21.00
N VAL A 798 29.06 -2.78 21.37
CA VAL A 798 29.56 -3.76 20.42
C VAL A 798 28.66 -4.98 20.22
N THR A 799 27.70 -5.22 21.11
CA THR A 799 26.68 -6.24 20.86
C THR A 799 25.32 -5.68 20.52
N ASP A 800 25.03 -4.46 20.98
CA ASP A 800 23.69 -3.91 20.80
C ASP A 800 23.56 -2.92 19.65
N GLY A 801 24.55 -2.85 18.76
CA GLY A 801 24.51 -1.94 17.64
C GLY A 801 24.21 -2.63 16.32
N LEU A 802 25.13 -2.51 15.37
CA LEU A 802 24.93 -3.02 14.02
C LEU A 802 24.64 -4.53 13.90
N PRO A 803 25.16 -5.39 14.76
CA PRO A 803 24.75 -6.78 14.71
C PRO A 803 23.25 -6.92 14.92
N ALA A 804 22.67 -6.03 15.73
CA ALA A 804 21.23 -6.02 15.96
C ALA A 804 20.49 -5.33 14.82
N THR A 805 20.84 -4.08 14.53
CA THR A 805 20.17 -3.34 13.44
C THR A 805 20.19 -4.16 12.16
N ALA A 806 21.27 -4.91 11.97
CA ALA A 806 21.44 -5.73 10.78
C ALA A 806 20.34 -6.74 10.61
N LEU A 807 19.91 -7.37 11.70
CA LEU A 807 18.85 -8.38 11.59
C LEU A 807 17.67 -7.87 10.76
N GLY A 808 17.39 -6.57 10.83
CA GLY A 808 16.33 -5.96 10.01
C GLY A 808 16.49 -6.21 8.51
N PHE A 809 17.70 -6.55 8.10
CA PHE A 809 17.97 -6.91 6.72
C PHE A 809 18.01 -8.43 6.56
N ASN A 810 17.47 -9.16 7.53
CA ASN A 810 17.37 -10.60 7.37
C ASN A 810 16.53 -10.81 6.13
N PRO A 811 16.76 -11.93 5.46
CA PRO A 811 15.97 -12.30 4.30
C PRO A 811 14.66 -12.93 4.76
N PRO A 812 13.70 -13.07 3.86
CA PRO A 812 12.47 -13.75 4.22
C PRO A 812 12.76 -15.19 4.65
N ASP A 813 12.08 -15.60 5.72
CA ASP A 813 12.13 -16.98 6.16
C ASP A 813 11.70 -17.87 5.01
N LEU A 814 12.15 -19.13 5.03
CA LEU A 814 11.92 -20.04 3.92
C LEU A 814 10.47 -20.47 3.78
N ASP A 815 9.74 -20.51 4.89
CA ASP A 815 8.34 -20.87 4.83
C ASP A 815 7.34 -19.71 5.00
N ILE A 816 7.86 -18.48 5.00
CA ILE A 816 7.08 -17.28 5.34
C ILE A 816 5.72 -17.19 4.64
N MET A 817 5.68 -17.58 3.38
CA MET A 817 4.46 -17.54 2.59
C MET A 817 3.81 -18.91 2.47
N ASP A 818 4.03 -19.77 3.47
CA ASP A 818 3.35 -21.06 3.53
C ASP A 818 2.56 -21.34 4.81
N ARG A 819 2.68 -20.47 5.81
CA ARG A 819 1.77 -20.49 6.96
C ARG A 819 0.67 -19.45 6.85
N PRO A 820 -0.48 -19.71 7.48
CA PRO A 820 -1.58 -18.75 7.42
C PRO A 820 -1.18 -17.43 8.06
N PRO A 821 -1.99 -16.40 7.88
CA PRO A 821 -1.70 -15.11 8.50
C PRO A 821 -1.75 -15.13 10.01
N ARG A 822 -0.91 -14.33 10.64
CA ARG A 822 -0.97 -14.08 12.08
C ARG A 822 -2.23 -13.29 12.38
N SER A 823 -2.95 -13.65 13.42
CA SER A 823 -3.99 -12.76 13.94
C SER A 823 -3.29 -11.51 14.49
N PRO A 824 -3.90 -10.33 14.33
CA PRO A 824 -3.20 -9.09 14.71
C PRO A 824 -3.15 -8.85 16.24
N LYS A 825 -4.04 -9.52 16.96
CA LYS A 825 -4.09 -9.44 18.42
C LYS A 825 -3.34 -10.60 19.10
N GLU A 826 -2.38 -11.23 18.43
CA GLU A 826 -1.61 -12.33 19.04
C GLU A 826 -0.64 -11.77 20.04
N PRO A 827 -0.32 -12.52 21.09
CA PRO A 827 0.63 -12.02 22.05
C PRO A 827 1.89 -11.69 21.28
N LEU A 828 2.38 -10.47 21.42
CA LEU A 828 3.67 -10.10 20.83
C LEU A 828 4.71 -11.15 21.17
N ILE A 829 4.90 -11.41 22.47
CA ILE A 829 5.82 -12.47 22.88
C ILE A 829 5.09 -13.73 23.29
N SER A 830 5.40 -14.80 22.56
CA SER A 830 4.86 -16.12 22.82
C SER A 830 5.41 -16.66 24.13
N GLY A 831 4.54 -17.32 24.89
CA GLY A 831 4.95 -17.97 26.12
C GLY A 831 6.19 -18.81 25.87
N TRP A 832 6.20 -19.53 24.76
CA TRP A 832 7.33 -20.41 24.47
C TRP A 832 8.63 -19.67 24.12
N LEU A 833 8.50 -18.54 23.44
CA LEU A 833 9.69 -17.76 23.12
C LEU A 833 10.28 -17.15 24.38
N PHE A 834 9.43 -16.64 25.26
CA PHE A 834 9.89 -16.13 26.54
C PHE A 834 10.82 -17.12 27.26
N PHE A 835 10.45 -18.40 27.22
CA PHE A 835 11.28 -19.49 27.73
C PHE A 835 12.62 -19.56 27.01
N ARG A 836 12.57 -19.52 25.69
CA ARG A 836 13.78 -19.60 24.88
C ARG A 836 14.73 -18.44 25.15
N TYR A 837 14.19 -17.25 25.39
CA TYR A 837 15.02 -16.10 25.77
C TYR A 837 15.79 -16.41 27.06
N MET A 838 15.16 -17.14 27.97
CA MET A 838 15.76 -17.47 29.27
C MET A 838 16.79 -18.58 29.16
N ALA A 839 16.47 -19.60 28.39
CA ALA A 839 17.41 -20.69 28.12
C ALA A 839 18.74 -20.12 27.65
N ILE A 840 18.67 -19.27 26.61
CA ILE A 840 19.82 -18.61 26.03
C ILE A 840 20.42 -17.61 27.01
N GLY A 841 19.57 -16.74 27.57
CA GLY A 841 20.02 -15.80 28.61
C GLY A 841 20.79 -16.46 29.72
N GLY A 842 20.32 -17.64 30.13
CA GLY A 842 20.92 -18.41 31.22
C GLY A 842 22.29 -18.96 30.87
N TYR A 843 22.39 -19.59 29.70
CA TYR A 843 23.67 -20.09 29.21
C TYR A 843 24.68 -18.95 29.07
N VAL A 844 24.24 -17.78 28.63
CA VAL A 844 25.11 -16.64 28.45
C VAL A 844 25.59 -16.11 29.79
N GLY A 845 24.67 -15.93 30.74
CA GLY A 845 25.06 -15.49 32.07
C GLY A 845 26.04 -16.44 32.74
N ALA A 846 25.79 -17.74 32.61
CA ALA A 846 26.61 -18.78 33.24
C ALA A 846 27.93 -19.03 32.52
N ALA A 847 27.94 -18.83 31.21
CA ALA A 847 29.13 -19.02 30.40
C ALA A 847 30.15 -17.91 30.63
N THR A 848 29.65 -16.75 31.04
CA THR A 848 30.53 -15.60 31.25
C THR A 848 31.07 -15.55 32.68
N VAL A 849 30.26 -15.97 33.66
CA VAL A 849 30.76 -16.16 35.04
C VAL A 849 31.71 -17.35 35.08
N GLY A 850 31.33 -18.45 34.44
CA GLY A 850 32.17 -19.64 34.36
C GLY A 850 33.51 -19.39 33.71
N ALA A 851 33.59 -18.34 32.89
CA ALA A 851 34.83 -17.95 32.23
C ALA A 851 35.85 -17.28 33.17
N ALA A 852 35.39 -16.35 34.02
CA ALA A 852 36.26 -15.68 34.99
C ALA A 852 36.74 -16.67 36.06
N ALA A 853 35.83 -17.53 36.52
CA ALA A 853 36.12 -18.60 37.45
C ALA A 853 37.19 -19.53 36.90
N TRP A 854 37.07 -19.88 35.62
CA TRP A 854 38.05 -20.69 34.94
C TRP A 854 39.42 -20.02 34.84
N TRP A 855 39.47 -18.69 34.68
CA TRP A 855 40.75 -18.00 34.77
C TRP A 855 41.35 -18.19 36.16
N PHE A 856 40.56 -17.90 37.20
CA PHE A 856 41.03 -18.03 38.58
C PHE A 856 41.44 -19.45 38.89
N MET A 857 40.50 -20.39 38.71
CA MET A 857 40.65 -21.72 39.28
C MET A 857 41.43 -22.71 38.44
N TYR A 858 41.04 -22.89 37.20
CA TYR A 858 41.66 -23.91 36.36
C TYR A 858 42.84 -23.40 35.51
N ALA A 859 42.95 -22.09 35.30
CA ALA A 859 43.90 -21.56 34.31
C ALA A 859 45.35 -21.56 34.78
N GLU A 860 46.24 -21.97 33.87
CA GLU A 860 47.65 -22.16 34.20
C GLU A 860 48.40 -20.86 34.48
N ASP A 861 47.96 -19.76 33.86
CA ASP A 861 48.50 -18.44 34.17
C ASP A 861 47.78 -17.83 35.36
N GLY A 862 46.54 -18.25 35.55
CA GLY A 862 45.79 -17.84 36.71
C GLY A 862 46.37 -18.53 37.92
N PRO A 863 46.17 -17.96 39.10
CA PRO A 863 46.48 -18.66 40.34
C PRO A 863 45.66 -19.95 40.37
N GLY A 864 46.18 -21.01 40.97
CA GLY A 864 45.47 -22.28 40.93
C GLY A 864 44.40 -22.48 42.00
N VAL A 865 43.68 -21.42 42.38
CA VAL A 865 42.72 -21.44 43.50
C VAL A 865 41.89 -22.73 43.68
N THR A 866 41.88 -23.63 42.69
CA THR A 866 41.21 -24.95 42.78
C THR A 866 39.79 -24.75 43.27
N TYR A 867 39.03 -25.84 43.28
CA TYR A 867 37.60 -25.74 43.51
C TYR A 867 37.26 -25.15 44.89
N HIS A 868 36.05 -24.61 44.98
CA HIS A 868 35.52 -23.90 46.16
C HIS A 868 35.99 -22.44 46.27
N GLN A 869 36.41 -21.83 45.16
CA GLN A 869 36.77 -20.41 45.15
C GLN A 869 37.79 -20.10 46.26
N LEU A 870 38.42 -21.17 46.75
CA LEU A 870 38.93 -21.21 48.12
C LEU A 870 37.95 -20.64 49.18
N THR A 871 36.70 -20.42 48.80
CA THR A 871 35.52 -20.31 49.69
C THR A 871 35.08 -18.87 50.07
N HIS A 872 35.93 -17.87 49.82
CA HIS A 872 35.55 -16.46 50.03
C HIS A 872 36.50 -15.51 49.31
N PHE A 873 36.33 -14.21 49.59
CA PHE A 873 37.20 -13.16 49.13
C PHE A 873 37.97 -12.49 50.27
N MET A 874 37.53 -12.68 51.52
CA MET A 874 38.05 -11.98 52.71
C MET A 874 39.52 -11.54 52.73
N GLN A 875 40.39 -12.31 52.09
CA GLN A 875 41.84 -12.17 52.20
C GLN A 875 42.34 -10.73 52.41
N CYS A 876 41.86 -9.78 51.61
CA CYS A 876 42.16 -8.35 51.79
C CYS A 876 43.68 -8.03 51.81
N THR A 877 44.19 -7.43 52.89
CA THR A 877 45.62 -7.15 53.04
C THR A 877 46.43 -8.42 53.46
N GLU A 878 47.69 -8.25 53.86
CA GLU A 878 48.71 -9.31 53.79
C GLU A 878 48.51 -10.58 54.66
N ASP A 879 47.85 -11.58 54.06
CA ASP A 879 47.74 -12.98 54.54
C ASP A 879 46.61 -13.23 55.55
N HIS A 880 45.44 -13.63 55.04
CA HIS A 880 44.17 -13.45 55.75
C HIS A 880 43.24 -14.67 55.79
N PRO A 881 42.23 -14.67 56.66
CA PRO A 881 41.72 -15.90 57.25
C PRO A 881 42.54 -17.10 56.82
N HIS A 882 43.84 -16.97 57.06
CA HIS A 882 44.88 -17.62 56.28
C HIS A 882 44.42 -18.90 55.56
N PHE A 883 43.84 -18.71 54.38
CA PHE A 883 43.48 -19.82 53.49
C PHE A 883 44.26 -19.77 52.18
N GLU A 884 45.39 -20.49 52.21
CA GLU A 884 46.49 -20.39 51.26
C GLU A 884 46.87 -18.93 50.93
N GLY A 885 46.97 -18.08 51.96
CA GLY A 885 47.64 -16.79 51.84
C GLY A 885 48.94 -16.97 51.07
N LEU A 886 48.77 -17.24 49.77
CA LEU A 886 49.84 -17.46 48.81
C LEU A 886 49.87 -16.22 47.93
N ASP A 887 48.72 -15.91 47.35
CA ASP A 887 48.58 -14.76 46.47
C ASP A 887 47.73 -13.70 47.16
N CYS A 888 48.09 -12.45 46.93
CA CYS A 888 47.48 -11.33 47.63
C CYS A 888 46.26 -10.82 46.87
N GLU A 889 46.47 -9.93 45.91
CA GLU A 889 45.35 -9.19 45.35
C GLU A 889 44.69 -9.80 44.12
N ILE A 890 45.32 -10.72 43.40
CA ILE A 890 44.75 -11.28 42.15
C ILE A 890 43.31 -10.84 41.80
N PHE A 891 42.41 -10.72 42.78
CA PHE A 891 41.15 -9.99 42.59
C PHE A 891 41.48 -8.54 42.21
N GLU A 892 40.77 -8.00 41.23
CA GLU A 892 41.15 -6.72 40.61
C GLU A 892 42.11 -6.99 39.45
N ALA A 893 42.63 -8.21 39.35
CA ALA A 893 43.34 -8.62 38.14
C ALA A 893 42.42 -8.36 36.95
N PRO A 894 42.88 -7.57 35.98
CA PRO A 894 42.16 -7.42 34.72
C PRO A 894 41.90 -8.73 33.98
N GLU A 895 42.79 -9.71 34.13
CA GLU A 895 42.71 -10.99 33.40
C GLU A 895 41.36 -11.75 33.50
N PRO A 896 40.86 -12.02 34.70
CA PRO A 896 39.55 -12.69 34.85
C PRO A 896 38.41 -11.90 34.21
N MET A 897 38.44 -10.58 34.36
CA MET A 897 37.39 -9.70 33.86
C MET A 897 37.41 -9.60 32.35
N THR A 898 38.60 -9.34 31.79
CA THR A 898 38.74 -9.25 30.34
C THR A 898 38.50 -10.62 29.69
N MET A 899 38.66 -11.69 30.44
CA MET A 899 38.17 -12.98 30.02
C MET A 899 36.65 -12.98 29.73
N ALA A 900 35.88 -12.47 30.69
CA ALA A 900 34.41 -12.51 30.60
C ALA A 900 33.88 -11.63 29.48
N LEU A 901 34.32 -10.38 29.50
CA LEU A 901 33.99 -9.41 28.47
C LEU A 901 34.24 -9.97 27.08
N SER A 902 35.25 -10.82 26.94
CA SER A 902 35.51 -11.45 25.65
C SER A 902 34.63 -12.67 25.37
N VAL A 903 34.13 -13.33 26.41
CA VAL A 903 33.13 -14.38 26.20
C VAL A 903 31.76 -13.76 25.92
N LEU A 904 31.48 -12.65 26.58
CA LEU A 904 30.19 -11.98 26.43
C LEU A 904 30.04 -11.52 24.99
N VAL A 905 31.00 -10.74 24.50
CA VAL A 905 30.97 -10.30 23.12
C VAL A 905 30.91 -11.50 22.20
N THR A 906 31.88 -12.39 22.29
CA THR A 906 31.95 -13.53 21.37
C THR A 906 30.66 -14.38 21.37
N ILE A 907 30.11 -14.65 22.56
CA ILE A 907 28.87 -15.43 22.64
C ILE A 907 27.65 -14.66 22.12
N GLU A 908 27.58 -13.36 22.42
CA GLU A 908 26.46 -12.55 21.94
C GLU A 908 26.45 -12.58 20.42
N MET A 909 27.61 -12.36 19.84
CA MET A 909 27.82 -12.49 18.40
C MET A 909 27.45 -13.86 17.85
N CYS A 910 27.55 -14.90 18.68
CA CYS A 910 27.13 -16.23 18.26
C CYS A 910 25.63 -16.36 18.13
N ASN A 911 24.85 -15.97 19.15
CA ASN A 911 23.40 -16.16 19.07
C ASN A 911 22.68 -15.11 18.21
N ALA A 912 23.43 -14.11 17.72
CA ALA A 912 22.95 -13.31 16.61
C ALA A 912 22.87 -14.22 15.39
N LEU A 913 23.83 -15.14 15.23
CA LEU A 913 23.75 -16.09 14.11
C LEU A 913 22.54 -17.02 14.21
N ASN A 914 22.03 -17.27 15.41
CA ASN A 914 20.77 -18.00 15.57
C ASN A 914 19.57 -17.16 15.16
N SER A 915 19.72 -15.83 15.16
CA SER A 915 18.62 -14.89 14.93
C SER A 915 18.44 -14.46 13.46
N LEU A 916 18.88 -15.31 12.54
CA LEU A 916 18.56 -15.17 11.11
C LEU A 916 17.15 -15.66 10.84
N SER A 917 16.62 -16.47 11.74
CA SER A 917 15.35 -17.14 11.53
C SER A 917 14.80 -17.68 12.83
N GLU A 918 13.49 -17.53 13.02
CA GLU A 918 12.83 -18.05 14.22
C GLU A 918 13.19 -19.52 14.46
N ASN A 919 12.79 -20.37 13.54
CA ASN A 919 12.88 -21.80 13.77
C ASN A 919 13.64 -22.52 12.67
N GLN A 920 14.46 -21.81 11.90
CA GLN A 920 15.26 -22.48 10.88
C GLN A 920 16.70 -22.70 11.32
N SER A 921 17.30 -23.74 10.77
CA SER A 921 18.61 -24.20 11.17
C SER A 921 19.66 -23.43 10.41
N LEU A 922 20.76 -23.15 11.09
CA LEU A 922 21.91 -22.63 10.40
C LEU A 922 22.32 -23.58 9.28
N MET A 923 21.92 -24.84 9.38
CA MET A 923 22.18 -25.78 8.29
C MET A 923 21.33 -25.48 7.04
N ARG A 924 20.12 -24.94 7.22
CA ARG A 924 19.25 -24.59 6.10
C ARG A 924 19.25 -23.09 5.77
N MET A 925 19.46 -22.27 6.79
CA MET A 925 19.63 -20.82 6.65
C MET A 925 21.00 -20.44 7.17
N PRO A 926 22.04 -20.63 6.36
CA PRO A 926 23.40 -20.37 6.82
C PRO A 926 23.71 -18.88 7.06
N PRO A 927 24.87 -18.60 7.66
CA PRO A 927 25.23 -17.23 8.03
C PRO A 927 25.34 -16.26 6.87
N TRP A 928 25.63 -16.75 5.68
CA TRP A 928 25.83 -15.87 4.54
C TRP A 928 24.54 -15.46 3.85
N VAL A 929 23.40 -15.80 4.43
CA VAL A 929 22.14 -15.28 3.91
C VAL A 929 22.07 -13.78 4.22
N ASN A 930 22.48 -13.40 5.42
CA ASN A 930 22.65 -11.99 5.73
C ASN A 930 24.14 -11.62 5.84
N ILE A 931 24.64 -10.95 4.81
CA ILE A 931 26.02 -10.49 4.79
C ILE A 931 26.17 -9.27 5.68
N TRP A 932 25.21 -8.36 5.61
CA TRP A 932 25.19 -7.18 6.46
C TRP A 932 25.48 -7.55 7.91
N LEU A 933 24.82 -8.59 8.39
CA LEU A 933 25.06 -9.09 9.74
C LEU A 933 26.52 -9.49 9.92
N LEU A 934 27.02 -10.31 9.00
CA LEU A 934 28.41 -10.79 9.10
C LEU A 934 29.41 -9.65 9.16
N GLY A 935 29.19 -8.60 8.37
CA GLY A 935 30.03 -7.40 8.41
C GLY A 935 30.03 -6.72 9.77
N SER A 936 28.84 -6.34 10.21
CA SER A 936 28.64 -5.83 11.55
C SER A 936 29.42 -6.60 12.61
N ILE A 937 29.33 -7.93 12.55
CA ILE A 937 30.04 -8.81 13.49
C ILE A 937 31.53 -8.61 13.38
N CYS A 938 32.06 -8.61 12.17
CA CYS A 938 33.49 -8.43 12.03
C CYS A 938 33.84 -7.08 12.62
N LEU A 939 33.09 -6.05 12.26
CA LEU A 939 33.34 -4.74 12.82
C LEU A 939 33.41 -4.75 14.36
N SER A 940 32.54 -5.53 15.01
CA SER A 940 32.55 -5.63 16.47
C SER A 940 33.79 -6.36 17.00
N MET A 941 33.98 -7.59 16.52
CA MET A 941 35.16 -8.41 16.84
C MET A 941 36.42 -7.62 16.59
N SER A 942 36.48 -7.01 15.42
CA SER A 942 37.54 -6.10 15.04
C SER A 942 37.74 -4.99 16.08
N LEU A 943 36.67 -4.24 16.37
CA LEU A 943 36.70 -3.21 17.42
C LEU A 943 37.15 -3.80 18.75
N HIS A 944 36.71 -5.02 19.04
CA HIS A 944 37.09 -5.68 20.28
C HIS A 944 38.54 -6.14 20.31
N PHE A 945 39.16 -6.33 19.15
CA PHE A 945 40.59 -6.66 19.18
C PHE A 945 41.38 -5.39 19.41
N LEU A 946 41.11 -4.37 18.59
CA LEU A 946 41.69 -3.05 18.76
C LEU A 946 41.86 -2.72 20.24
N ILE A 947 40.73 -2.63 20.94
CA ILE A 947 40.70 -2.24 22.36
C ILE A 947 41.68 -3.04 23.22
N LEU A 948 41.89 -4.30 22.85
CA LEU A 948 42.76 -5.21 23.59
C LEU A 948 44.26 -5.02 23.34
N TYR A 949 44.64 -4.71 22.11
CA TYR A 949 46.03 -4.79 21.70
C TYR A 949 46.69 -3.47 21.32
N VAL A 950 45.93 -2.41 21.05
CA VAL A 950 46.54 -1.10 20.83
C VAL A 950 46.83 -0.42 22.16
N ASP A 951 48.10 -0.18 22.46
CA ASP A 951 48.59 -0.16 23.84
C ASP A 951 48.06 0.85 24.87
N PRO A 952 47.63 2.06 24.48
CA PRO A 952 46.93 2.93 25.45
C PRO A 952 45.55 2.38 25.86
N LEU A 953 44.83 1.77 24.93
CA LEU A 953 43.44 1.35 25.15
C LEU A 953 43.24 0.36 26.30
N PRO A 954 43.98 -0.75 26.32
CA PRO A 954 43.82 -1.76 27.38
C PRO A 954 43.91 -1.20 28.80
N MET A 955 44.65 -0.11 28.99
CA MET A 955 44.67 0.53 30.29
C MET A 955 43.32 1.16 30.61
N ILE A 956 42.71 1.84 29.64
CA ILE A 956 41.45 2.57 29.88
C ILE A 956 40.35 1.60 30.24
N PHE A 957 40.33 0.47 29.53
CA PHE A 957 39.50 -0.68 29.87
C PHE A 957 40.30 -1.53 30.85
N LYS A 958 41.05 -2.52 30.37
CA LYS A 958 41.77 -3.46 31.24
C LYS A 958 42.79 -4.28 30.47
N LEU A 959 43.76 -4.84 31.18
CA LEU A 959 44.80 -5.68 30.57
C LEU A 959 44.25 -6.72 29.58
N LYS A 960 45.10 -7.04 28.60
CA LYS A 960 44.74 -7.91 27.48
C LYS A 960 44.75 -9.39 27.84
N ALA A 961 44.48 -10.22 26.84
CA ALA A 961 44.22 -11.64 27.01
C ALA A 961 45.15 -12.40 26.08
N LEU A 962 45.86 -13.40 26.64
CA LEU A 962 46.81 -14.19 25.86
C LEU A 962 46.13 -14.78 24.64
N ASP A 963 46.29 -14.06 23.55
CA ASP A 963 45.85 -14.49 22.23
C ASP A 963 45.68 -16.03 22.22
N LEU A 964 46.79 -16.74 22.07
CA LEU A 964 46.79 -18.07 21.50
C LEU A 964 45.86 -19.08 22.16
N THR A 965 45.70 -18.99 23.48
CA THR A 965 44.99 -20.02 24.24
C THR A 965 43.78 -19.49 24.98
N GLN A 966 43.85 -18.25 25.45
CA GLN A 966 42.74 -17.64 26.16
C GLN A 966 41.56 -17.53 25.21
N TRP A 967 41.83 -17.07 23.98
CA TRP A 967 40.79 -16.99 22.96
C TRP A 967 40.18 -18.35 22.62
N LEU A 968 41.03 -19.37 22.52
CA LEU A 968 40.56 -20.75 22.31
C LEU A 968 39.56 -21.18 23.36
N MET A 969 39.73 -20.68 24.59
CA MET A 969 38.79 -20.95 25.66
C MET A 969 37.50 -20.14 25.54
N VAL A 970 37.64 -18.83 25.34
CA VAL A 970 36.51 -17.92 25.12
C VAL A 970 35.57 -18.50 24.07
N LEU A 971 36.20 -18.97 22.99
CA LEU A 971 35.52 -19.55 21.84
C LEU A 971 34.91 -20.93 22.17
N LYS A 972 35.56 -21.69 23.06
CA LYS A 972 35.07 -23.02 23.44
C LYS A 972 33.80 -22.92 24.27
N ILE A 973 33.74 -21.88 25.10
CA ILE A 973 32.61 -21.63 25.99
C ILE A 973 31.43 -20.99 25.26
N SER A 974 31.73 -20.22 24.21
CA SER A 974 30.74 -19.34 23.56
C SER A 974 30.02 -19.99 22.37
N LEU A 975 30.74 -20.87 21.67
CA LEU A 975 30.21 -21.52 20.48
C LEU A 975 28.97 -22.37 20.75
N PRO A 976 28.95 -23.12 21.86
CA PRO A 976 27.77 -23.93 22.19
C PRO A 976 26.44 -23.19 22.24
N VAL A 977 26.43 -21.88 22.52
CA VAL A 977 25.18 -21.11 22.46
C VAL A 977 24.44 -21.38 21.14
N ILE A 978 25.22 -21.62 20.09
CA ILE A 978 24.66 -21.98 18.79
C ILE A 978 24.07 -23.39 18.87
N GLY A 979 24.86 -24.34 19.34
CA GLY A 979 24.38 -25.70 19.52
C GLY A 979 23.12 -25.76 20.37
N LEU A 980 22.96 -24.84 21.31
CA LEU A 980 21.78 -24.83 22.18
C LEU A 980 20.51 -24.35 21.48
N ASP A 981 20.56 -23.15 20.91
CA ASP A 981 19.41 -22.61 20.18
C ASP A 981 18.98 -23.58 19.07
N GLU A 982 19.96 -24.20 18.41
CA GLU A 982 19.74 -25.14 17.31
C GLU A 982 19.04 -26.44 17.73
N ILE A 983 19.14 -26.81 19.01
CA ILE A 983 18.29 -27.85 19.57
C ILE A 983 16.93 -27.25 19.90
N LEU A 984 16.94 -26.02 20.38
CA LEU A 984 15.72 -25.31 20.76
C LEU A 984 14.84 -25.03 19.54
N LYS A 985 15.46 -24.78 18.40
CA LYS A 985 14.76 -24.64 17.12
C LYS A 985 14.28 -25.99 16.63
N PHE A 986 15.08 -27.03 16.91
CA PHE A 986 14.67 -28.38 16.57
C PHE A 986 13.38 -28.74 17.29
N ILE A 987 13.30 -28.39 18.57
CA ILE A 987 12.07 -28.56 19.35
C ILE A 987 10.89 -27.89 18.67
N ALA A 988 10.91 -26.56 18.60
CA ALA A 988 9.82 -25.77 18.02
C ALA A 988 9.45 -26.15 16.58
N ARG A 989 10.37 -26.78 15.86
CA ARG A 989 10.11 -27.25 14.51
C ARG A 989 9.50 -28.65 14.46
N ASN A 990 10.14 -29.60 15.12
CA ASN A 990 9.78 -31.03 15.01
C ASN A 990 8.70 -31.47 16.00
N TYR A 991 8.46 -30.65 17.02
CA TYR A 991 7.11 -30.42 17.55
C TYR A 991 6.72 -29.06 16.94
N LEU A 992 5.44 -28.76 16.71
CA LEU A 992 5.11 -27.44 16.18
C LEU A 992 3.88 -26.80 16.83
N GLU A 993 3.85 -25.47 16.83
CA GLU A 993 2.67 -24.63 17.16
C GLU A 993 2.96 -23.15 16.88
N GLY A 994 1.90 -22.35 16.69
CA GLY A 994 2.03 -20.90 16.51
C GLY A 994 0.69 -20.24 16.19
AL ALF B . -16.41 -3.73 -11.39
F1 ALF B . -16.85 -2.02 -11.13
F2 ALF B . -16.09 -5.48 -11.54
F3 ALF B . -14.99 -3.27 -12.37
F4 ALF B . -17.72 -4.26 -10.34
CA CA C . 21.71 -1.82 25.00
CA CA D . 24.00 -6.74 24.42
MG MG E . -13.72 -1.90 -12.30
K K F . -8.88 1.40 3.85
MG MG G . -17.14 -0.67 -13.50
PB ADP H . -18.72 -3.55 -13.66
O1B ADP H . -19.67 -4.50 -14.36
O2B ADP H . -18.30 -2.33 -14.42
O3B ADP H . -17.49 -4.20 -13.06
PA ADP H . -20.42 -1.56 -12.48
O1A ADP H . -19.48 -0.38 -12.61
O2A ADP H . -21.38 -1.56 -11.30
O3A ADP H . -19.66 -3.00 -12.46
O5' ADP H . -21.33 -1.76 -13.78
C5' ADP H . -22.62 -2.37 -13.65
C4' ADP H . -23.10 -2.86 -15.00
O4' ADP H . -23.63 -1.77 -15.73
C3' ADP H . -22.05 -3.50 -15.94
O3' ADP H . -21.84 -4.90 -15.71
C2' ADP H . -22.57 -3.22 -17.34
O2' ADP H . -23.50 -4.22 -17.74
C1' ADP H . -23.38 -1.96 -17.14
N9 ADP H . -22.70 -0.74 -17.56
C8 ADP H . -21.46 -0.42 -17.26
N7 ADP H . -21.16 0.79 -17.78
C5 ADP H . -22.25 1.28 -18.40
C6 ADP H . -22.62 2.51 -19.14
N6 ADP H . -21.71 3.48 -19.30
N1 ADP H . -23.84 2.64 -19.66
C2 ADP H . -24.72 1.63 -19.48
N3 ADP H . -24.47 0.48 -18.83
C4 ADP H . -23.26 0.24 -18.26
#